data_8GH6
#
_entry.id   8GH6
#
_cell.length_a   1.00
_cell.length_b   1.00
_cell.length_c   1.00
_cell.angle_alpha   90.00
_cell.angle_beta   90.00
_cell.angle_gamma   90.00
#
_symmetry.space_group_name_H-M   'P 1'
#
loop_
_entity.id
_entity.type
_entity.pdbx_description
1 polymer 'Reverse transcriptase-like protein'
2 polymer "28S DNA bottom strand, 3' side"
3 polymer "28S DNA bottom strand, 5' side (priming strand)"
4 polymer "R2Bm 3'UTR RNA"
5 polymer '28S DNA top strand'
6 non-polymer 'ZINC ION'
7 non-polymer 'MAGNESIUM ION'
8 non-polymer "THYMIDINE-5'-TRIPHOSPHATE"
#
loop_
_entity_poly.entity_id
_entity_poly.type
_entity_poly.pdbx_seq_one_letter_code
_entity_poly.pdbx_strand_id
1 'polypeptide(L)'
;MMASTALSLMGRCNPDGCTRGKHVTAAPMDGPRGPSSLAGTFGWGLAIPAGEPCGRVCSPATVGFFPVAKKSNKENRPEA
SGLPLESERTGDNPTVRGSAGADPVGQDAPGWTCQFCERTFSTNRGLGVHKRRAHPVETNTDAAPMMVKRRWHGEEIDLL
ARTEARLLAERGQCSGGDLFGALPGFGRTLEAIKGQRRREPYRALVQAHLARFGSQPGPSSGGCSAEPDFRRASGAEEAG
EERCAEDAAAYDPSAVGQMSPDAARVLSELLEGAGRRRACRAMRPKTAGRRNDLHDDRTASAHKTSRQKRRAEYARVQEL
YKKCRSRAAAEVIDGACGGVGHSLEEMETYWRPILERVSDAPGPTPEALHALGRAEWHGGNRDYTQLWKPISVEEIKASR
FDWRTSPGPDGIRSGQWRAVPVHLKAEMFNAWMARGEIPEILRQCRTVFVPKVERPGGPGEYRPISIASIPLRHFHSILA
RRLLACCPPDARQRGFICADGTLENSAVLDAVLGDSRKKLRECHVAVLDFAKAFDTVSHEALVELLRLRGMPEQFCGYIA
HLYDTASTTLAVNNEMSSPVKVGRGVRQGDPLSPILFNVVMDLILASLPERVGYRLEMELVSALAYADDLVLLAGSKVGM
QESISAVDCVGRQMGLRLNCRKSAVLSMIPDGHRKKHHYLTERTFNIGGKPLRQVSCVERWRYLGVDFEASGCVTLEHSI
SSALNNISRAPLKPQQRLEILRAHLIPRFQHGFVLGNISDDRLRMLDVQIRKAVGQWLRLPADVPKAYYHAAVQDGGLAI
PSVRATIPDLIVRRFGGLDSSPWSVARAAAKSDKIRKKLRWAWKQLRRFSRVDSTTQRPSVRLFWREHLHASVDGRELRE
STRTPTSTKWIRERCAQITGRDFVQFVHTHINALPSRIRGSRGRRGGGESSLTCRAGCKVRETTAHILQQCHRTHGGRIL
RHNKIVSFVAKAMEENKWTVELEPRLRTSVGLRKPDIIASRDGVGVIVDVQVVSGQRSLDELHREKRNKYGNHGELVELV
AGRLGLPKAECVRATSCTISWRGVWSLTSYKELRSIIGLREPTLQIVPILALRGSHMNWTRFNQMTSVMGGGVG
;
A
2 'polydeoxyribonucleotide'
;(DT)(DT)(DA)(DG)(DA)(DT)(DG)(DA)(DC)(DG)(DA)(DG)(DG)(DC)(DA)(DT)(DT)(DT)(DG)(DG)
(DC)(DT)(DA)(DC)(DC)(DT)(DT)(DA)(DA)(DG)(DA)(DG)(DA)(DG)(DT)(DC)(DA)(DT)(DA)(DG)
(DT)(DT)(DA)(DC)(DT)(DC)(DC)(DC)(DG)(DC)(DC)(DG)(DT)(DT)(DT)(DA)(DC)(DC)(DC)(DG)
(DC)(DG)(DC)(DT)(DT)(DC)(DA)(DC)(DA)(DG)
;
B
3 'polydeoxyribonucleotide'
;(DT)(DT)(DA)(DG)(DA)(DT)(DG)(DA)(DC)(DG)(DA)(DG)(DG)(DC)(DA)(DT)(DT)(DT)(DG)(DG)
(DC)(DT)(DA)(DT)
;
P
4 'polyribonucleotide'
;GCCUUGCACAGUAGUCCAGCGGUAAGGGUGUAGAUCAGGCCCGUCUGUUUCUCCCCCGGAGCUCGCUCCCUUGGCUUCCC
UUAUAUAUUUUAACAUCAGAAACAGACAUUAAACAUCUACUGAUCCAAUUUCGCCGGCGUACGGCCACGAUCGGGAGGGU
GGGAAUCUCGGGGGUCUUCCGAUCCUAAUCCAUGAUGAUUACGACCUGAGUCACUAAAGACGAUGGCAUGAUGAUCCGGC
GAUGAAAAUAGCC
;
R
5 'polydeoxyribonucleotide'
;(DC)(DT)(DG)(DT)(DG)(DA)(DA)(DG)(DC)(DG)(DC)(DG)(DG)(DG)(DT)(DA)(DA)(DA)(DC)(DG)
(DG)(DC)(DG)(DG)(DG)(DA)(DG)(DT)(DA)(DA)(DC)(DT)(DA)(DT)(DG)(DA)(DC)(DT)(DC)(DT)
(DC)(DT)(DT)(DA)(DA)(DG)(DG)(DT)(DA)(DG)(DC)(DC)(DA)(DA)(DA)(DT)(DG)(DC)(DC)(DT)
(DC)(DG)(DT)(DC)(DA)(DT)(DC)(DT)(DA)(DA)
;
T
#
loop_
_chem_comp.id
_chem_comp.type
_chem_comp.name
_chem_comp.formula
A RNA linking ADENOSINE-5'-MONOPHOSPHATE 'C10 H14 N5 O7 P'
C RNA linking CYTIDINE-5'-MONOPHOSPHATE 'C9 H14 N3 O8 P'
DA DNA linking 2'-DEOXYADENOSINE-5'-MONOPHOSPHATE 'C10 H14 N5 O6 P'
DC DNA linking 2'-DEOXYCYTIDINE-5'-MONOPHOSPHATE 'C9 H14 N3 O7 P'
DG DNA linking 2'-DEOXYGUANOSINE-5'-MONOPHOSPHATE 'C10 H14 N5 O7 P'
DT DNA linking THYMIDINE-5'-MONOPHOSPHATE 'C10 H15 N2 O8 P'
G RNA linking GUANOSINE-5'-MONOPHOSPHATE 'C10 H14 N5 O8 P'
MG non-polymer 'MAGNESIUM ION' 'Mg 2'
TTP non-polymer THYMIDINE-5'-TRIPHOSPHATE 'C10 H17 N2 O14 P3'
U RNA linking URIDINE-5'-MONOPHOSPHATE 'C9 H13 N2 O9 P'
ZN non-polymer 'ZINC ION' 'Zn 2'
#
# COMPACT_ATOMS: atom_id res chain seq x y z
N GLY A 111 -38.72 -0.38 37.88
CA GLY A 111 -39.97 0.16 37.38
C GLY A 111 -39.89 0.58 35.92
N TRP A 112 -38.85 1.35 35.59
CA TRP A 112 -38.56 1.73 34.22
C TRP A 112 -38.21 0.52 33.38
N THR A 113 -38.99 0.27 32.33
CA THR A 113 -38.91 -0.94 31.52
C THR A 113 -38.86 -0.54 30.05
N CYS A 114 -37.97 -1.17 29.28
CA CYS A 114 -37.78 -0.84 27.88
C CYS A 114 -38.94 -1.34 27.04
N GLN A 115 -39.38 -0.50 26.10
CA GLN A 115 -40.49 -0.85 25.21
C GLN A 115 -40.11 -1.85 24.13
N PHE A 116 -38.81 -2.12 23.90
CA PHE A 116 -38.40 -2.98 22.80
C PHE A 116 -37.68 -4.26 23.23
N CYS A 117 -37.19 -4.35 24.46
CA CYS A 117 -36.61 -5.60 24.92
C CYS A 117 -37.01 -5.97 26.34
N GLU A 118 -37.85 -5.18 27.00
CA GLU A 118 -38.39 -5.41 28.35
C GLU A 118 -37.32 -5.62 29.43
N ARG A 119 -36.14 -5.03 29.27
CA ARG A 119 -35.18 -4.98 30.36
C ARG A 119 -35.59 -3.92 31.38
N THR A 120 -35.23 -4.16 32.64
CA THR A 120 -35.67 -3.32 33.76
C THR A 120 -34.49 -2.50 34.27
N PHE A 121 -34.71 -1.19 34.45
CA PHE A 121 -33.65 -0.25 34.78
C PHE A 121 -34.03 0.58 35.99
N SER A 122 -33.00 1.14 36.64
CA SER A 122 -33.21 1.87 37.89
C SER A 122 -33.75 3.29 37.65
N THR A 123 -33.35 3.93 36.55
CA THR A 123 -33.70 5.32 36.30
C THR A 123 -34.13 5.49 34.85
N ASN A 124 -34.80 6.61 34.59
CA ASN A 124 -35.16 6.98 33.21
C ASN A 124 -33.92 7.36 32.40
N ARG A 125 -32.88 7.87 33.07
CA ARG A 125 -31.61 8.23 32.42
C ARG A 125 -30.96 7.01 31.78
N GLY A 126 -30.77 5.95 32.57
CA GLY A 126 -30.16 4.74 32.06
C GLY A 126 -31.01 4.04 31.01
N LEU A 127 -32.34 4.14 31.15
CA LEU A 127 -33.25 3.64 30.14
C LEU A 127 -33.07 4.37 28.80
N GLY A 128 -32.92 5.70 28.85
CA GLY A 128 -32.68 6.45 27.61
C GLY A 128 -31.34 6.16 26.97
N VAL A 129 -30.30 5.99 27.80
CA VAL A 129 -28.98 5.63 27.28
C VAL A 129 -28.98 4.22 26.69
N HIS A 130 -29.77 3.31 27.29
CA HIS A 130 -29.96 1.98 26.71
C HIS A 130 -30.69 2.04 25.37
N LYS A 131 -31.75 2.85 25.29
CA LYS A 131 -32.55 2.93 24.08
C LYS A 131 -31.78 3.57 22.92
N ARG A 132 -30.88 4.51 23.22
CA ARG A 132 -30.00 5.06 22.18
C ARG A 132 -29.09 4.00 21.56
N ARG A 133 -28.45 3.18 22.39
CA ARG A 133 -27.42 2.28 21.89
C ARG A 133 -27.96 0.95 21.37
N ALA A 134 -28.91 0.34 22.08
CA ALA A 134 -29.35 -1.00 21.69
C ALA A 134 -30.42 -0.99 20.62
N HIS A 135 -31.20 0.08 20.50
CA HIS A 135 -32.30 0.15 19.55
C HIS A 135 -32.15 1.42 18.71
N PRO A 136 -31.27 1.41 17.70
CA PRO A 136 -30.91 2.69 17.04
C PRO A 136 -31.98 3.25 16.13
N VAL A 137 -32.66 2.41 15.34
CA VAL A 137 -33.63 2.89 14.36
C VAL A 137 -34.90 3.39 15.05
N GLU A 138 -35.33 2.69 16.09
CA GLU A 138 -36.50 3.09 16.87
C GLU A 138 -36.25 4.42 17.59
N THR A 139 -35.05 4.57 18.18
CA THR A 139 -34.71 5.82 18.87
C THR A 139 -34.54 6.96 17.88
N ASN A 140 -34.02 6.68 16.68
CA ASN A 140 -33.97 7.67 15.61
C ASN A 140 -35.37 8.05 15.13
N THR A 141 -36.34 7.13 15.22
CA THR A 141 -37.72 7.51 14.96
C THR A 141 -38.27 8.42 16.05
N ASP A 142 -37.98 8.11 17.32
CA ASP A 142 -38.43 8.99 18.41
C ASP A 142 -37.70 10.32 18.45
N ALA A 143 -36.49 10.39 17.90
CA ALA A 143 -35.68 11.61 17.98
C ALA A 143 -36.00 12.64 16.92
N ALA A 144 -37.00 12.38 16.07
CA ALA A 144 -37.29 13.26 14.93
C ALA A 144 -37.83 14.62 15.40
N PRO A 145 -37.27 15.73 14.93
CA PRO A 145 -37.77 17.05 15.30
C PRO A 145 -39.09 17.38 14.64
N MET A 146 -39.88 18.22 15.32
CA MET A 146 -41.00 18.87 14.67
C MET A 146 -40.52 20.05 13.84
N MET A 147 -41.35 20.47 12.89
CA MET A 147 -40.94 21.42 11.84
C MET A 147 -41.97 22.55 11.72
N VAL A 148 -42.33 23.14 12.84
CA VAL A 148 -43.35 24.19 12.85
C VAL A 148 -42.75 25.54 12.50
N LYS A 149 -41.66 25.92 13.15
CA LYS A 149 -41.07 27.25 13.03
C LYS A 149 -39.57 27.14 12.83
N ARG A 150 -39.18 26.45 11.75
CA ARG A 150 -37.78 26.24 11.37
C ARG A 150 -37.06 27.56 11.13
N ARG A 151 -35.83 27.65 11.67
CA ARG A 151 -35.01 28.84 11.47
C ARG A 151 -34.54 28.95 10.02
N TRP A 152 -34.39 30.19 9.57
CA TRP A 152 -33.93 30.44 8.21
C TRP A 152 -32.42 30.33 8.16
N HIS A 153 -31.94 29.24 7.57
CA HIS A 153 -30.52 29.12 7.26
C HIS A 153 -30.19 30.08 6.12
N GLY A 154 -28.96 30.60 6.13
CA GLY A 154 -28.51 31.55 5.13
C GLY A 154 -28.50 31.02 3.70
N GLU A 155 -28.36 29.70 3.53
CA GLU A 155 -28.42 29.07 2.21
C GLU A 155 -29.78 29.24 1.54
N GLU A 156 -30.85 29.20 2.33
CA GLU A 156 -32.20 29.48 1.82
C GLU A 156 -32.35 30.96 1.51
N ILE A 157 -31.74 31.80 2.36
CA ILE A 157 -31.83 33.25 2.28
C ILE A 157 -31.18 33.75 0.99
N ASP A 158 -30.03 33.15 0.63
CA ASP A 158 -29.31 33.51 -0.59
C ASP A 158 -30.11 33.19 -1.84
N LEU A 159 -30.78 32.02 -1.87
CA LEU A 159 -31.56 31.66 -3.05
C LEU A 159 -32.80 32.53 -3.19
N LEU A 160 -33.49 32.82 -2.07
CA LEU A 160 -34.65 33.72 -2.10
C LEU A 160 -34.26 35.13 -2.52
N ALA A 161 -33.10 35.62 -2.05
CA ALA A 161 -32.61 36.94 -2.41
C ALA A 161 -32.19 37.00 -3.89
N ARG A 162 -31.51 35.96 -4.39
CA ARG A 162 -31.04 36.01 -5.77
C ARG A 162 -32.19 35.83 -6.76
N THR A 163 -33.22 35.05 -6.40
CA THR A 163 -34.41 34.94 -7.24
C THR A 163 -35.19 36.25 -7.25
N GLU A 164 -35.30 36.91 -6.09
CA GLU A 164 -35.97 38.20 -6.01
C GLU A 164 -35.21 39.27 -6.80
N ALA A 165 -33.87 39.24 -6.75
CA ALA A 165 -33.04 40.18 -7.51
C ALA A 165 -33.16 39.96 -9.02
N ARG A 166 -33.14 38.69 -9.47
CA ARG A 166 -33.27 38.44 -10.91
C ARG A 166 -34.68 38.76 -11.40
N LEU A 167 -35.69 38.66 -10.53
CA LEU A 167 -37.03 39.08 -10.93
C LEU A 167 -37.20 40.60 -10.90
N LEU A 168 -36.51 41.31 -10.01
CA LEU A 168 -36.51 42.78 -10.08
C LEU A 168 -35.77 43.29 -11.31
N ALA A 169 -34.75 42.56 -11.75
CA ALA A 169 -34.14 42.89 -13.04
C ALA A 169 -35.06 42.52 -14.20
N GLU A 170 -35.68 41.33 -14.12
CA GLU A 170 -36.35 40.74 -15.28
C GLU A 170 -37.77 41.26 -15.44
N ARG A 171 -38.46 41.61 -14.35
CA ARG A 171 -39.86 41.97 -14.43
C ARG A 171 -40.04 43.39 -13.89
N GLY A 172 -39.07 43.91 -13.14
CA GLY A 172 -39.14 45.25 -12.57
C GLY A 172 -39.70 45.36 -11.17
N GLN A 173 -40.80 44.68 -10.87
CA GLN A 173 -41.38 44.78 -9.55
C GLN A 173 -42.14 43.51 -9.22
N CYS A 174 -41.93 43.00 -8.00
CA CYS A 174 -42.52 41.73 -7.55
C CYS A 174 -42.72 41.78 -6.04
N SER A 175 -43.39 40.75 -5.54
CA SER A 175 -43.64 40.57 -4.11
C SER A 175 -43.67 39.07 -3.81
N GLY A 176 -43.95 38.74 -2.54
CA GLY A 176 -43.84 37.37 -2.05
C GLY A 176 -44.78 36.37 -2.68
N GLY A 177 -45.94 36.83 -3.17
CA GLY A 177 -46.87 35.95 -3.85
C GLY A 177 -46.34 35.40 -5.16
N ASP A 178 -45.45 36.14 -5.82
CA ASP A 178 -44.75 35.60 -6.98
C ASP A 178 -43.57 34.72 -6.56
N LEU A 179 -42.97 35.02 -5.40
CA LEU A 179 -41.83 34.25 -4.92
C LEU A 179 -42.25 32.86 -4.41
N PHE A 180 -43.50 32.71 -3.97
CA PHE A 180 -44.00 31.37 -3.67
C PHE A 180 -44.15 30.57 -4.96
N GLY A 181 -44.48 31.23 -6.07
CA GLY A 181 -44.60 30.54 -7.34
C GLY A 181 -43.25 30.18 -7.93
N ALA A 182 -42.28 31.08 -7.77
CA ALA A 182 -40.94 30.88 -8.32
C ALA A 182 -40.13 29.83 -7.55
N LEU A 183 -40.56 29.43 -6.35
CA LEU A 183 -39.85 28.46 -5.52
C LEU A 183 -40.81 27.31 -5.17
N PRO A 184 -40.90 26.29 -6.03
CA PRO A 184 -41.89 25.23 -5.78
C PRO A 184 -41.52 24.28 -4.64
N GLY A 185 -40.28 23.81 -4.59
CA GLY A 185 -39.88 22.80 -3.61
C GLY A 185 -39.20 23.37 -2.38
N PHE A 186 -39.47 24.64 -2.10
CA PHE A 186 -38.71 25.37 -1.09
C PHE A 186 -39.15 25.04 0.33
N GLY A 187 -40.41 24.66 0.51
CA GLY A 187 -40.88 24.27 1.82
C GLY A 187 -41.17 25.39 2.80
N ARG A 188 -41.60 26.55 2.33
CA ARG A 188 -42.02 27.64 3.19
C ARG A 188 -43.38 28.15 2.74
N THR A 189 -44.21 28.51 3.72
CA THR A 189 -45.53 29.08 3.46
C THR A 189 -45.33 30.56 3.10
N LEU A 190 -46.33 31.14 2.40
CA LEU A 190 -46.30 32.54 1.96
C LEU A 190 -46.14 33.52 3.12
N GLU A 191 -46.71 33.19 4.29
CA GLU A 191 -46.52 34.03 5.49
C GLU A 191 -45.08 34.03 5.95
N ALA A 192 -44.40 32.87 5.87
CA ALA A 192 -42.98 32.77 6.19
C ALA A 192 -42.12 33.56 5.22
N ILE A 193 -42.49 33.51 3.92
CA ILE A 193 -41.77 34.24 2.88
C ILE A 193 -41.91 35.75 3.09
N LYS A 194 -43.12 36.19 3.44
CA LYS A 194 -43.39 37.59 3.75
C LYS A 194 -42.60 38.08 4.97
N GLY A 195 -42.64 37.28 6.05
CA GLY A 195 -41.94 37.65 7.27
C GLY A 195 -40.43 37.57 7.15
N GLN A 196 -39.91 36.79 6.21
CA GLN A 196 -38.49 36.88 5.91
C GLN A 196 -38.18 38.10 5.03
N ARG A 197 -39.07 38.40 4.08
CA ARG A 197 -38.88 39.50 3.13
C ARG A 197 -38.88 40.87 3.80
N ARG A 198 -39.57 41.02 4.92
CA ARG A 198 -39.62 42.31 5.62
C ARG A 198 -38.31 42.67 6.35
N ARG A 199 -37.31 41.78 6.36
CA ARG A 199 -36.08 42.00 7.13
C ARG A 199 -35.05 42.83 6.36
N GLU A 200 -34.21 43.53 7.13
CA GLU A 200 -33.16 44.40 6.58
C GLU A 200 -31.93 43.70 5.98
N PRO A 201 -31.34 42.63 6.57
CA PRO A 201 -30.22 41.95 5.86
C PRO A 201 -30.62 41.31 4.53
N TYR A 202 -31.86 40.82 4.41
CA TYR A 202 -32.36 40.36 3.12
C TYR A 202 -32.47 41.51 2.13
N ARG A 203 -32.99 42.67 2.57
CA ARG A 203 -33.15 43.79 1.64
C ARG A 203 -31.81 44.42 1.27
N ALA A 204 -30.76 44.19 2.07
CA ALA A 204 -29.41 44.50 1.63
C ALA A 204 -28.94 43.51 0.56
N LEU A 205 -29.17 42.21 0.79
CA LEU A 205 -28.66 41.16 -0.11
C LEU A 205 -29.34 41.19 -1.48
N VAL A 206 -30.61 41.62 -1.54
CA VAL A 206 -31.31 41.74 -2.83
C VAL A 206 -30.64 42.80 -3.71
N GLN A 207 -30.32 43.97 -3.14
CA GLN A 207 -29.59 44.97 -3.92
C GLN A 207 -28.16 44.55 -4.20
N ALA A 208 -27.56 43.78 -3.29
CA ALA A 208 -26.20 43.27 -3.51
C ALA A 208 -26.14 42.29 -4.69
N HIS A 209 -27.17 41.45 -4.83
CA HIS A 209 -27.24 40.58 -6.00
C HIS A 209 -27.68 41.34 -7.25
N LEU A 210 -28.54 42.36 -7.09
CA LEU A 210 -29.04 43.11 -8.23
C LEU A 210 -27.94 43.94 -8.87
N ALA A 211 -26.98 44.42 -8.07
CA ALA A 211 -25.82 45.13 -8.60
C ALA A 211 -24.97 44.24 -9.50
N ARG A 212 -24.74 42.99 -9.07
CA ARG A 212 -23.93 42.06 -9.85
C ARG A 212 -24.70 41.55 -11.08
N PHE A 213 -26.00 41.29 -10.92
CA PHE A 213 -26.81 40.72 -12.00
C PHE A 213 -27.06 41.73 -13.12
N GLY A 214 -27.04 43.02 -12.80
CA GLY A 214 -27.27 44.07 -13.77
C GLY A 214 -26.08 44.44 -14.64
N SER A 215 -24.97 43.72 -14.53
CA SER A 215 -23.78 44.01 -15.33
C SER A 215 -23.98 43.64 -16.79
N THR A 305 -9.35 -37.26 -11.46
CA THR A 305 -8.90 -37.70 -10.16
C THR A 305 -8.54 -36.51 -9.28
N SER A 306 -8.25 -36.79 -8.00
CA SER A 306 -7.86 -35.74 -7.07
C SER A 306 -6.36 -35.50 -7.11
N ARG A 307 -5.56 -36.58 -7.17
CA ARG A 307 -4.12 -36.50 -6.96
C ARG A 307 -3.41 -35.84 -8.15
N GLN A 308 -3.77 -36.22 -9.38
CA GLN A 308 -3.14 -35.67 -10.57
C GLN A 308 -3.50 -34.20 -10.76
N LYS A 309 -4.69 -33.81 -10.29
CA LYS A 309 -5.10 -32.40 -10.31
C LYS A 309 -4.23 -31.56 -9.38
N ARG A 310 -3.87 -32.09 -8.20
CA ARG A 310 -2.96 -31.36 -7.33
C ARG A 310 -1.53 -31.35 -7.86
N ARG A 311 -1.11 -32.40 -8.57
CA ARG A 311 0.20 -32.36 -9.20
C ARG A 311 0.26 -31.32 -10.31
N ALA A 312 -0.83 -31.20 -11.08
CA ALA A 312 -0.91 -30.15 -12.10
C ALA A 312 -1.01 -28.76 -11.47
N GLU A 313 -1.65 -28.65 -10.30
CA GLU A 313 -1.72 -27.36 -9.61
C GLU A 313 -0.37 -26.95 -9.05
N TYR A 314 0.41 -27.91 -8.53
CA TYR A 314 1.80 -27.66 -8.15
C TYR A 314 2.64 -27.20 -9.34
N ALA A 315 2.45 -27.85 -10.49
CA ALA A 315 3.18 -27.47 -11.70
C ALA A 315 2.79 -26.08 -12.20
N ARG A 316 1.53 -25.69 -12.02
CA ARG A 316 1.11 -24.33 -12.37
C ARG A 316 1.69 -23.31 -11.40
N VAL A 317 1.57 -23.56 -10.09
CA VAL A 317 1.92 -22.59 -9.06
C VAL A 317 3.43 -22.35 -9.00
N GLN A 318 4.23 -23.42 -9.11
CA GLN A 318 5.69 -23.24 -9.05
C GLN A 318 6.25 -22.53 -10.28
N GLU A 319 5.63 -22.71 -11.45
CA GLU A 319 6.03 -21.93 -12.62
C GLU A 319 5.58 -20.47 -12.50
N LEU A 320 4.35 -20.25 -12.04
CA LEU A 320 3.80 -18.90 -11.95
C LEU A 320 4.48 -18.07 -10.86
N TYR A 321 4.98 -18.74 -9.81
CA TYR A 321 5.72 -18.05 -8.74
C TYR A 321 7.04 -17.50 -9.25
N LYS A 322 7.65 -18.15 -10.23
CA LYS A 322 8.89 -17.65 -10.80
C LYS A 322 8.65 -16.68 -11.96
N LYS A 323 7.55 -16.86 -12.70
CA LYS A 323 7.24 -15.93 -13.78
C LYS A 323 6.78 -14.58 -13.24
N CYS A 324 5.82 -14.59 -12.31
CA CYS A 324 5.30 -13.34 -11.74
C CYS A 324 4.83 -13.64 -10.33
N ARG A 325 5.66 -13.28 -9.34
CA ARG A 325 5.42 -13.65 -7.94
C ARG A 325 4.16 -12.98 -7.38
N SER A 326 3.90 -11.74 -7.78
CA SER A 326 2.72 -11.01 -7.29
C SER A 326 1.42 -11.63 -7.79
N ARG A 327 1.41 -12.08 -9.05
CA ARG A 327 0.24 -12.76 -9.60
C ARG A 327 -0.03 -14.08 -8.90
N ALA A 328 1.03 -14.85 -8.62
CA ALA A 328 0.89 -16.13 -7.93
C ALA A 328 0.43 -15.93 -6.49
N ALA A 329 0.93 -14.88 -5.82
CA ALA A 329 0.50 -14.55 -4.46
C ALA A 329 -0.97 -14.13 -4.43
N ALA A 330 -1.40 -13.33 -5.42
CA ALA A 330 -2.80 -12.95 -5.52
C ALA A 330 -3.69 -14.16 -5.85
N GLU A 331 -3.16 -15.11 -6.63
CA GLU A 331 -3.89 -16.34 -6.91
C GLU A 331 -4.05 -17.20 -5.66
N VAL A 332 -2.99 -17.27 -4.83
CA VAL A 332 -3.05 -18.05 -3.60
C VAL A 332 -4.01 -17.41 -2.59
N ILE A 333 -3.94 -16.09 -2.44
CA ILE A 333 -4.77 -15.39 -1.44
C ILE A 333 -6.25 -15.41 -1.83
N ASP A 334 -6.55 -15.06 -3.09
CA ASP A 334 -7.94 -14.98 -3.51
C ASP A 334 -8.54 -16.36 -3.79
N GLY A 335 -7.77 -17.24 -4.41
CA GLY A 335 -8.25 -18.55 -4.83
C GLY A 335 -8.10 -18.83 -6.31
N ALA A 336 -8.19 -17.82 -7.16
CA ALA A 336 -8.08 -17.99 -8.60
C ALA A 336 -7.72 -16.65 -9.23
N CYS A 337 -7.38 -16.69 -10.52
CA CYS A 337 -7.12 -15.50 -11.31
C CYS A 337 -7.51 -15.79 -12.75
N GLY A 338 -7.42 -14.78 -13.61
CA GLY A 338 -7.87 -14.92 -14.97
C GLY A 338 -9.37 -14.78 -15.06
N GLY A 339 -9.89 -13.62 -14.68
CA GLY A 339 -11.29 -13.37 -14.44
C GLY A 339 -12.16 -13.19 -15.66
N VAL A 340 -11.66 -13.40 -16.87
CA VAL A 340 -12.48 -13.30 -18.08
C VAL A 340 -13.32 -14.57 -18.17
N GLY A 341 -14.63 -14.42 -18.01
CA GLY A 341 -15.53 -15.56 -18.03
C GLY A 341 -16.61 -15.48 -19.07
N HIS A 342 -16.37 -14.72 -20.14
CA HIS A 342 -17.34 -14.55 -21.22
C HIS A 342 -16.64 -14.68 -22.56
N SER A 343 -17.44 -15.05 -23.57
CA SER A 343 -16.95 -15.22 -24.92
C SER A 343 -16.73 -13.87 -25.60
N LEU A 344 -16.11 -13.92 -26.79
CA LEU A 344 -15.89 -12.71 -27.59
C LEU A 344 -17.22 -12.11 -28.04
N GLU A 345 -18.21 -12.95 -28.33
CA GLU A 345 -19.52 -12.49 -28.80
C GLU A 345 -20.27 -11.75 -27.69
N GLU A 346 -20.26 -12.31 -26.47
CA GLU A 346 -20.98 -11.69 -25.35
C GLU A 346 -20.31 -10.40 -24.90
N MET A 347 -18.99 -10.31 -25.04
CA MET A 347 -18.28 -9.06 -24.78
C MET A 347 -18.61 -8.03 -25.86
N GLU A 348 -18.54 -8.45 -27.13
CA GLU A 348 -18.59 -7.51 -28.25
C GLU A 348 -19.99 -6.95 -28.46
N THR A 349 -21.02 -7.78 -28.33
CA THR A 349 -22.40 -7.33 -28.51
C THR A 349 -22.87 -6.37 -27.41
N TYR A 350 -22.19 -6.35 -26.26
CA TYR A 350 -22.43 -5.29 -25.28
C TYR A 350 -21.59 -4.07 -25.58
N TRP A 351 -20.28 -4.25 -25.82
CA TRP A 351 -19.38 -3.11 -25.76
C TRP A 351 -19.27 -2.33 -27.08
N ARG A 352 -19.50 -2.99 -28.22
CA ARG A 352 -19.38 -2.31 -29.52
C ARG A 352 -20.37 -1.16 -29.76
N PRO A 353 -21.68 -1.23 -29.44
CA PRO A 353 -22.50 0.00 -29.57
C PRO A 353 -22.14 1.10 -28.59
N ILE A 354 -21.48 0.80 -27.48
CA ILE A 354 -21.00 1.85 -26.59
C ILE A 354 -19.81 2.58 -27.22
N LEU A 355 -18.84 1.83 -27.73
CA LEU A 355 -17.63 2.44 -28.28
C LEU A 355 -17.88 3.12 -29.62
N GLU A 356 -18.74 2.54 -30.46
CA GLU A 356 -18.95 3.10 -31.78
C GLU A 356 -19.84 4.35 -31.79
N ARG A 357 -20.60 4.59 -30.72
CA ARG A 357 -21.51 5.73 -30.69
C ARG A 357 -20.74 7.03 -30.47
N VAL A 358 -21.07 8.05 -31.25
CA VAL A 358 -20.59 9.40 -31.01
C VAL A 358 -21.45 10.03 -29.91
N SER A 359 -20.81 10.51 -28.85
CA SER A 359 -21.49 11.18 -27.75
C SER A 359 -22.06 12.53 -28.18
N ASP A 360 -23.39 12.63 -28.18
CA ASP A 360 -24.12 13.79 -28.69
C ASP A 360 -24.27 14.93 -27.68
N ALA A 361 -23.42 14.99 -26.66
CA ALA A 361 -23.50 16.03 -25.64
C ALA A 361 -23.16 17.40 -26.25
N PRO A 362 -23.92 18.45 -25.91
CA PRO A 362 -23.77 19.74 -26.62
C PRO A 362 -22.54 20.54 -26.24
N GLY A 363 -21.69 20.06 -25.33
CA GLY A 363 -20.50 20.78 -24.94
C GLY A 363 -20.77 21.84 -23.88
N PRO A 364 -19.70 22.51 -23.43
CA PRO A 364 -19.84 23.51 -22.36
C PRO A 364 -20.66 24.72 -22.77
N THR A 365 -21.52 25.16 -21.86
CA THR A 365 -22.29 26.39 -21.96
C THR A 365 -21.44 27.56 -21.48
N PRO A 366 -21.70 28.78 -21.97
CA PRO A 366 -20.92 29.96 -21.51
C PRO A 366 -21.05 30.31 -20.02
N GLU A 367 -22.12 29.87 -19.34
CA GLU A 367 -22.23 30.05 -17.90
C GLU A 367 -21.15 29.26 -17.15
N ALA A 368 -21.01 27.98 -17.50
CA ALA A 368 -19.99 27.13 -16.88
C ALA A 368 -18.59 27.54 -17.31
N LEU A 369 -18.45 28.05 -18.54
CA LEU A 369 -17.17 28.59 -19.01
C LEU A 369 -16.78 29.85 -18.25
N HIS A 370 -17.75 30.71 -17.96
CA HIS A 370 -17.51 31.91 -17.15
C HIS A 370 -17.13 31.54 -15.72
N ALA A 371 -17.80 30.51 -15.17
CA ALA A 371 -17.45 30.00 -13.85
C ALA A 371 -16.04 29.39 -13.83
N LEU A 372 -15.67 28.69 -14.91
CA LEU A 372 -14.37 28.03 -14.97
C LEU A 372 -13.22 29.04 -15.07
N GLY A 373 -13.47 30.18 -15.70
CA GLY A 373 -12.45 31.18 -16.00
C GLY A 373 -11.83 31.88 -14.80
N ARG A 374 -12.42 31.74 -13.62
CA ARG A 374 -11.88 32.33 -12.39
C ARG A 374 -10.57 31.68 -11.97
N THR A 385 2.06 28.22 -22.27
CA THR A 385 2.80 28.79 -23.39
C THR A 385 4.14 28.08 -23.60
N GLN A 386 4.61 27.42 -22.56
CA GLN A 386 5.84 26.63 -22.67
C GLN A 386 5.58 25.33 -23.45
N LEU A 387 4.33 24.85 -23.43
CA LEU A 387 3.96 23.56 -24.01
C LEU A 387 4.12 23.57 -25.53
N TRP A 388 4.44 22.39 -26.08
CA TRP A 388 4.79 22.07 -27.47
C TRP A 388 6.11 22.68 -27.91
N LYS A 389 6.97 23.07 -26.97
CA LYS A 389 8.39 23.25 -27.26
C LYS A 389 9.04 21.88 -27.47
N PRO A 390 10.14 21.80 -28.22
CA PRO A 390 10.77 20.49 -28.48
C PRO A 390 11.39 19.85 -27.24
N ILE A 391 11.45 18.52 -27.28
CA ILE A 391 11.85 17.71 -26.13
C ILE A 391 13.36 17.55 -26.13
N SER A 392 13.98 17.77 -24.97
CA SER A 392 15.41 17.72 -24.79
C SER A 392 15.86 16.34 -24.32
N VAL A 393 17.18 16.12 -24.39
CA VAL A 393 17.78 14.85 -24.00
C VAL A 393 17.69 14.63 -22.49
N GLU A 394 17.94 15.69 -21.71
CA GLU A 394 17.92 15.58 -20.25
C GLU A 394 16.50 15.41 -19.74
N GLU A 395 15.51 15.91 -20.48
CA GLU A 395 14.10 15.64 -20.17
C GLU A 395 13.77 14.16 -20.32
N ILE A 396 14.30 13.53 -21.37
CA ILE A 396 14.11 12.09 -21.58
C ILE A 396 14.81 11.30 -20.48
N LYS A 397 16.03 11.73 -20.10
CA LYS A 397 16.78 11.05 -19.04
C LYS A 397 16.10 11.19 -17.67
N ALA A 398 15.53 12.36 -17.39
CA ALA A 398 14.91 12.60 -16.09
C ALA A 398 13.56 11.92 -15.97
N SER A 399 12.76 11.90 -17.05
CA SER A 399 11.42 11.34 -17.00
C SER A 399 11.45 9.81 -16.97
N ARG A 400 11.38 9.26 -15.76
CA ARG A 400 11.41 7.81 -15.56
C ARG A 400 10.18 7.14 -16.18
N PHE A 401 10.38 5.89 -16.62
CA PHE A 401 9.36 5.15 -17.34
C PHE A 401 9.31 3.73 -16.80
N ASP A 402 8.11 3.15 -16.83
CA ASP A 402 7.88 1.78 -16.36
C ASP A 402 8.24 0.81 -17.48
N TRP A 403 9.51 0.40 -17.50
CA TRP A 403 10.00 -0.52 -18.52
C TRP A 403 9.44 -1.94 -18.38
N ARG A 404 8.91 -2.31 -17.22
CA ARG A 404 8.25 -3.61 -17.07
C ARG A 404 6.82 -3.48 -17.60
N THR A 405 6.68 -3.58 -18.93
CA THR A 405 5.40 -3.37 -19.56
C THR A 405 5.27 -4.26 -20.78
N SER A 406 4.03 -4.64 -21.10
CA SER A 406 3.74 -5.41 -22.29
C SER A 406 3.73 -4.53 -23.52
N PRO A 407 4.10 -5.05 -24.69
CA PRO A 407 3.95 -4.29 -25.93
C PRO A 407 2.51 -4.32 -26.44
N GLY A 408 2.26 -3.48 -27.44
CA GLY A 408 0.98 -3.40 -28.07
C GLY A 408 0.82 -4.40 -29.21
N PRO A 409 -0.13 -4.13 -30.11
CA PRO A 409 -0.25 -4.97 -31.32
C PRO A 409 0.89 -4.80 -32.30
N ASP A 410 1.62 -3.68 -32.20
CA ASP A 410 2.77 -3.38 -33.04
C ASP A 410 3.96 -4.29 -32.76
N GLY A 411 4.09 -4.80 -31.54
CA GLY A 411 5.08 -5.81 -31.22
C GLY A 411 6.48 -5.36 -30.87
N ILE A 412 6.74 -4.06 -30.76
CA ILE A 412 8.06 -3.62 -30.28
C ILE A 412 8.10 -3.78 -28.77
N ARG A 413 9.00 -4.64 -28.30
CA ARG A 413 9.19 -4.91 -26.88
C ARG A 413 9.94 -3.76 -26.21
N SER A 414 9.94 -3.79 -24.87
CA SER A 414 10.46 -2.69 -24.07
C SER A 414 11.98 -2.57 -24.17
N GLY A 415 12.69 -3.70 -24.21
CA GLY A 415 14.13 -3.66 -24.35
C GLY A 415 14.59 -3.16 -25.70
N GLN A 416 13.77 -3.38 -26.73
CA GLN A 416 14.08 -2.91 -28.08
C GLN A 416 14.04 -1.39 -28.18
N TRP A 417 13.07 -0.75 -27.51
CA TRP A 417 13.05 0.71 -27.43
C TRP A 417 14.07 1.24 -26.43
N ARG A 418 14.32 0.47 -25.36
CA ARG A 418 15.25 0.89 -24.32
C ARG A 418 16.70 0.87 -24.79
N ALA A 419 17.01 0.07 -25.82
CA ALA A 419 18.37 0.03 -26.35
C ALA A 419 18.69 1.23 -27.25
N VAL A 420 17.67 1.94 -27.72
CA VAL A 420 17.87 3.08 -28.63
C VAL A 420 18.52 4.23 -27.88
N PRO A 421 19.56 4.88 -28.42
CA PRO A 421 20.16 6.02 -27.72
C PRO A 421 19.27 7.25 -27.69
N VAL A 422 19.50 8.08 -26.67
CA VAL A 422 18.53 9.08 -26.22
C VAL A 422 18.39 10.24 -27.21
N HIS A 423 19.48 10.62 -27.90
CA HIS A 423 19.40 11.74 -28.84
C HIS A 423 18.64 11.37 -30.10
N LEU A 424 18.73 10.11 -30.53
CA LEU A 424 17.91 9.66 -31.65
C LEU A 424 16.43 9.63 -31.26
N LYS A 425 16.12 9.19 -30.03
CA LYS A 425 14.74 9.26 -29.54
C LYS A 425 14.24 10.69 -29.45
N ALA A 426 15.13 11.62 -29.08
CA ALA A 426 14.81 13.05 -29.06
C ALA A 426 14.44 13.56 -30.45
N GLU A 427 15.20 13.16 -31.48
CA GLU A 427 14.85 13.67 -32.81
C GLU A 427 13.60 13.00 -33.39
N MET A 428 13.32 11.72 -33.05
CA MET A 428 12.02 11.14 -33.43
C MET A 428 10.85 11.81 -32.71
N PHE A 429 10.99 12.11 -31.41
CA PHE A 429 9.93 12.83 -30.68
C PHE A 429 9.72 14.23 -31.23
N ASN A 430 10.81 14.95 -31.53
CA ASN A 430 10.67 16.29 -32.08
C ASN A 430 10.12 16.28 -33.51
N ALA A 431 10.42 15.22 -34.27
CA ALA A 431 9.82 15.05 -35.59
C ALA A 431 8.31 14.80 -35.50
N TRP A 432 7.89 13.95 -34.55
CA TRP A 432 6.46 13.71 -34.35
C TRP A 432 5.73 14.94 -33.82
N MET A 433 6.42 15.77 -33.01
CA MET A 433 5.84 17.06 -32.65
C MET A 433 5.76 18.00 -33.85
N ALA A 434 6.67 17.87 -34.82
CA ALA A 434 6.60 18.70 -36.03
C ALA A 434 5.44 18.28 -36.93
N ARG A 435 5.22 16.97 -37.12
CA ARG A 435 4.09 16.52 -37.93
C ARG A 435 2.75 16.76 -37.27
N GLY A 436 2.68 16.68 -35.95
CA GLY A 436 1.39 16.66 -35.27
C GLY A 436 0.73 15.30 -35.27
N GLU A 437 1.47 14.26 -35.62
CA GLU A 437 1.01 12.88 -35.57
C GLU A 437 2.23 12.00 -35.51
N ILE A 438 2.01 10.73 -35.17
CA ILE A 438 3.06 9.72 -35.20
C ILE A 438 2.82 8.81 -36.39
N PRO A 439 3.74 7.91 -36.71
CA PRO A 439 3.47 6.82 -37.64
C PRO A 439 2.24 6.00 -37.25
N GLU A 440 1.43 5.67 -38.26
CA GLU A 440 0.09 5.12 -38.03
C GLU A 440 0.14 3.69 -37.51
N ILE A 441 1.22 2.96 -37.79
CA ILE A 441 1.35 1.60 -37.28
C ILE A 441 1.62 1.60 -35.77
N LEU A 442 2.21 2.68 -35.24
CA LEU A 442 2.45 2.81 -33.82
C LEU A 442 1.23 3.32 -33.05
N ARG A 443 0.21 3.80 -33.73
CA ARG A 443 -0.95 4.40 -33.08
C ARG A 443 -2.10 3.42 -32.82
N GLN A 444 -1.99 2.18 -33.29
CA GLN A 444 -3.07 1.22 -33.13
C GLN A 444 -3.10 0.62 -31.72
N CYS A 445 -4.31 0.23 -31.30
CA CYS A 445 -4.56 -0.22 -29.93
C CYS A 445 -5.19 -1.62 -29.90
N ARG A 446 -4.84 -2.37 -28.85
CA ARG A 446 -5.56 -3.60 -28.49
C ARG A 446 -6.23 -3.41 -27.13
N THR A 447 -7.42 -3.97 -26.97
CA THR A 447 -8.19 -3.88 -25.73
C THR A 447 -8.31 -5.24 -25.04
N VAL A 448 -7.88 -5.31 -23.79
CA VAL A 448 -8.10 -6.46 -22.92
C VAL A 448 -9.08 -6.04 -21.83
N PHE A 449 -10.12 -6.84 -21.62
CA PHE A 449 -11.12 -6.56 -20.60
C PHE A 449 -10.67 -7.08 -19.25
N VAL A 450 -10.73 -6.21 -18.23
CA VAL A 450 -10.29 -6.50 -16.87
C VAL A 450 -11.49 -6.33 -15.95
N PRO A 451 -11.78 -7.29 -15.06
CA PRO A 451 -13.01 -7.19 -14.25
C PRO A 451 -12.93 -6.13 -13.16
N LYS A 452 -14.08 -5.50 -12.92
CA LYS A 452 -14.26 -4.47 -11.91
C LYS A 452 -14.64 -5.04 -10.55
N VAL A 453 -15.22 -6.24 -10.51
CA VAL A 453 -15.71 -6.89 -9.31
C VAL A 453 -15.01 -8.24 -9.26
N GLU A 454 -14.76 -8.74 -8.04
CA GLU A 454 -14.12 -10.04 -7.84
C GLU A 454 -14.99 -11.22 -8.30
N ARG A 455 -16.28 -11.02 -8.53
CA ARG A 455 -17.12 -12.01 -9.20
C ARG A 455 -18.02 -11.26 -10.16
N PRO A 456 -17.55 -11.02 -11.39
CA PRO A 456 -18.36 -10.27 -12.36
C PRO A 456 -19.53 -11.10 -12.89
N GLY A 457 -20.70 -10.47 -12.91
CA GLY A 457 -21.93 -11.11 -13.35
C GLY A 457 -22.32 -10.89 -14.79
N GLY A 458 -21.52 -10.16 -15.56
CA GLY A 458 -21.85 -9.86 -16.93
C GLY A 458 -20.78 -9.04 -17.62
N PRO A 459 -20.96 -8.78 -18.93
CA PRO A 459 -20.00 -7.95 -19.67
C PRO A 459 -19.92 -6.50 -19.21
N GLY A 460 -20.94 -5.98 -18.53
CA GLY A 460 -20.90 -4.62 -18.04
C GLY A 460 -20.03 -4.41 -16.82
N GLU A 461 -19.53 -5.48 -16.21
CA GLU A 461 -18.70 -5.39 -15.03
C GLU A 461 -17.22 -5.56 -15.34
N TYR A 462 -16.82 -5.28 -16.58
CA TYR A 462 -15.43 -5.26 -17.01
C TYR A 462 -15.10 -3.87 -17.53
N ARG A 463 -13.79 -3.54 -17.56
CA ARG A 463 -13.44 -2.24 -18.12
C ARG A 463 -12.56 -2.40 -19.36
N PRO A 464 -12.79 -1.59 -20.40
CA PRO A 464 -11.99 -1.72 -21.64
C PRO A 464 -10.64 -1.02 -21.59
N ILE A 465 -9.64 -1.68 -21.01
CA ILE A 465 -8.30 -1.12 -20.93
C ILE A 465 -7.61 -1.31 -22.29
N SER A 466 -7.14 -0.21 -22.88
CA SER A 466 -6.62 -0.20 -24.24
C SER A 466 -5.12 0.07 -24.21
N ILE A 467 -4.36 -0.80 -24.90
CA ILE A 467 -2.90 -0.77 -24.87
C ILE A 467 -2.39 -0.38 -26.25
N ALA A 468 -1.56 0.66 -26.31
CA ALA A 468 -0.91 1.11 -27.54
C ALA A 468 0.59 0.83 -27.47
N SER A 469 1.33 1.44 -28.39
CA SER A 469 2.75 1.19 -28.52
C SER A 469 3.54 1.79 -27.36
N ILE A 470 4.72 1.21 -27.11
CA ILE A 470 5.63 1.73 -26.08
C ILE A 470 6.19 3.12 -26.41
N PRO A 471 6.64 3.45 -27.67
CA PRO A 471 6.97 4.86 -27.96
C PRO A 471 5.84 5.88 -27.80
N LEU A 472 4.59 5.50 -28.10
CA LEU A 472 3.45 6.39 -27.86
C LEU A 472 3.31 6.67 -26.37
N ARG A 473 3.44 5.63 -25.54
CA ARG A 473 3.27 5.79 -24.10
C ARG A 473 4.43 6.56 -23.48
N HIS A 474 5.65 6.40 -24.01
CA HIS A 474 6.80 7.19 -23.55
C HIS A 474 6.65 8.67 -23.91
N PHE A 475 6.28 8.94 -25.17
CA PHE A 475 6.04 10.29 -25.66
C PHE A 475 4.91 10.97 -24.91
N HIS A 476 3.81 10.23 -24.70
CA HIS A 476 2.66 10.76 -23.97
C HIS A 476 2.94 10.90 -22.48
N SER A 477 3.86 10.11 -21.92
CA SER A 477 4.26 10.30 -20.53
C SER A 477 5.08 11.57 -20.35
N ILE A 478 5.97 11.88 -21.30
CA ILE A 478 6.72 13.14 -21.26
C ILE A 478 5.79 14.34 -21.41
N LEU A 479 4.86 14.25 -22.38
CA LEU A 479 3.83 15.27 -22.55
C LEU A 479 2.89 15.37 -21.35
N ALA A 480 2.66 14.23 -20.67
CA ALA A 480 1.80 14.21 -19.48
C ALA A 480 2.44 14.94 -18.31
N ARG A 481 3.75 14.73 -18.09
CA ARG A 481 4.44 15.47 -17.03
C ARG A 481 4.53 16.96 -17.34
N ARG A 482 4.76 17.33 -18.61
CA ARG A 482 4.70 18.73 -19.00
C ARG A 482 3.31 19.33 -18.80
N LEU A 483 2.27 18.59 -19.15
CA LEU A 483 0.91 19.10 -19.05
C LEU A 483 0.47 19.20 -17.59
N LEU A 484 0.93 18.27 -16.74
CA LEU A 484 0.68 18.35 -15.31
C LEU A 484 1.39 19.55 -14.69
N ALA A 485 2.61 19.84 -15.15
CA ALA A 485 3.30 21.05 -14.67
C ALA A 485 2.67 22.33 -15.22
N CYS A 486 2.00 22.25 -16.38
CA CYS A 486 1.50 23.46 -17.03
C CYS A 486 0.22 23.97 -16.35
N CYS A 487 -0.80 23.12 -16.24
CA CYS A 487 -2.14 23.54 -15.83
C CYS A 487 -2.61 22.72 -14.63
N PRO A 488 -2.48 23.26 -13.42
CA PRO A 488 -3.01 22.56 -12.25
C PRO A 488 -4.53 22.64 -12.20
N PRO A 489 -5.20 21.63 -11.66
CA PRO A 489 -6.66 21.66 -11.58
C PRO A 489 -7.14 22.51 -10.41
N ASP A 490 -8.46 22.44 -10.18
CA ASP A 490 -9.08 23.05 -9.02
C ASP A 490 -8.53 22.41 -7.74
N ALA A 491 -8.40 23.24 -6.69
CA ALA A 491 -7.80 22.80 -5.43
C ALA A 491 -8.61 21.74 -4.69
N ARG A 492 -9.90 21.61 -4.99
CA ARG A 492 -10.70 20.54 -4.43
C ARG A 492 -10.48 19.19 -5.12
N GLN A 493 -9.85 19.19 -6.29
CA GLN A 493 -9.52 17.95 -6.99
C GLN A 493 -8.22 17.41 -6.41
N ARG A 494 -8.33 16.34 -5.62
CA ARG A 494 -7.19 15.73 -4.94
C ARG A 494 -6.77 14.42 -5.57
N GLY A 495 -7.04 14.22 -6.85
CA GLY A 495 -6.88 12.93 -7.50
C GLY A 495 -5.53 12.76 -8.15
N PHE A 496 -5.48 12.92 -9.47
CA PHE A 496 -4.27 12.67 -10.26
C PHE A 496 -3.25 13.80 -10.19
N ILE A 497 -2.85 14.19 -8.97
CA ILE A 497 -1.92 15.28 -8.71
C ILE A 497 -0.88 14.77 -7.72
N CYS A 498 0.13 15.62 -7.47
CA CYS A 498 1.21 15.28 -6.56
C CYS A 498 0.84 15.54 -5.09
N ALA A 499 -0.21 14.88 -4.60
CA ALA A 499 -0.59 15.00 -3.21
C ALA A 499 -1.29 13.72 -2.76
N ASP A 500 -1.26 13.49 -1.44
CA ASP A 500 -1.86 12.31 -0.83
C ASP A 500 -3.34 12.59 -0.59
N GLY A 501 -4.11 12.52 -1.67
CA GLY A 501 -5.50 12.97 -1.65
C GLY A 501 -6.47 12.07 -0.91
N THR A 502 -6.14 10.79 -0.75
CA THR A 502 -7.04 9.86 -0.07
C THR A 502 -7.06 10.13 1.43
N LEU A 503 -5.89 10.42 2.00
CA LEU A 503 -5.75 10.88 3.38
C LEU A 503 -6.54 12.15 3.64
N GLU A 504 -6.42 13.11 2.72
CA GLU A 504 -7.09 14.41 2.84
C GLU A 504 -8.60 14.27 2.78
N ASN A 505 -9.12 13.53 1.79
CA ASN A 505 -10.56 13.38 1.61
C ASN A 505 -11.20 12.60 2.76
N SER A 506 -10.53 11.53 3.22
CA SER A 506 -11.06 10.74 4.34
C SER A 506 -11.00 11.53 5.64
N ALA A 507 -9.94 12.31 5.85
CA ALA A 507 -9.80 13.11 7.06
C ALA A 507 -10.84 14.22 7.14
N VAL A 508 -11.08 14.92 6.02
CA VAL A 508 -12.08 16.00 6.00
C VAL A 508 -13.49 15.43 6.18
N LEU A 509 -13.80 14.30 5.52
CA LEU A 509 -15.12 13.70 5.66
C LEU A 509 -15.37 13.17 7.08
N ASP A 510 -14.34 12.57 7.69
CA ASP A 510 -14.43 12.12 9.08
C ASP A 510 -14.60 13.28 10.06
N ALA A 511 -13.88 14.39 9.83
CA ALA A 511 -13.99 15.56 10.71
C ALA A 511 -15.37 16.22 10.60
N VAL A 512 -15.91 16.31 9.38
CA VAL A 512 -17.24 16.89 9.19
C VAL A 512 -18.32 16.02 9.82
N LEU A 513 -18.23 14.68 9.65
CA LEU A 513 -19.18 13.78 10.29
C LEU A 513 -19.05 13.75 11.82
N GLY A 514 -17.85 14.00 12.35
CA GLY A 514 -17.70 14.12 13.79
C GLY A 514 -18.31 15.39 14.35
N ASP A 515 -18.00 16.54 13.73
CA ASP A 515 -18.52 17.81 14.23
C ASP A 515 -20.03 17.94 14.02
N SER A 516 -20.56 17.25 13.02
CA SER A 516 -22.01 17.24 12.77
C SER A 516 -22.77 16.61 13.93
N ARG A 517 -22.27 15.49 14.45
CA ARG A 517 -22.90 14.90 15.62
C ARG A 517 -22.62 15.70 16.88
N LYS A 518 -21.38 16.18 17.05
CA LYS A 518 -20.99 16.76 18.33
C LYS A 518 -21.62 18.13 18.56
N LYS A 519 -21.70 18.97 17.53
CA LYS A 519 -22.21 20.32 17.72
C LYS A 519 -23.68 20.49 17.37
N LEU A 520 -24.33 19.42 16.90
CA LEU A 520 -25.77 19.35 16.57
C LEU A 520 -26.17 20.40 15.52
N ARG A 521 -25.52 20.30 14.37
CA ARG A 521 -25.75 21.19 13.24
C ARG A 521 -26.31 20.37 12.09
N GLU A 522 -27.06 21.03 11.22
CA GLU A 522 -27.52 20.38 9.99
C GLU A 522 -26.34 20.07 9.09
N CYS A 523 -26.34 18.85 8.55
CA CYS A 523 -25.25 18.39 7.70
C CYS A 523 -25.83 17.43 6.67
N HIS A 524 -25.80 17.84 5.42
CA HIS A 524 -26.30 17.06 4.31
C HIS A 524 -25.11 16.65 3.43
N VAL A 525 -24.90 15.33 3.29
CA VAL A 525 -23.74 14.77 2.58
C VAL A 525 -24.23 13.83 1.49
N ALA A 526 -23.78 14.03 0.26
CA ALA A 526 -23.97 13.06 -0.81
C ALA A 526 -22.63 12.46 -1.23
N VAL A 527 -22.64 11.18 -1.54
CA VAL A 527 -21.52 10.51 -2.20
C VAL A 527 -21.95 10.20 -3.63
N LEU A 528 -21.16 10.64 -4.61
CA LEU A 528 -21.54 10.52 -6.00
C LEU A 528 -20.45 9.79 -6.79
N ASP A 529 -20.86 9.25 -7.94
CA ASP A 529 -19.94 8.59 -8.86
C ASP A 529 -20.47 8.75 -10.27
N PHE A 530 -19.55 8.73 -11.23
CA PHE A 530 -19.90 8.81 -12.64
C PHE A 530 -19.76 7.44 -13.29
N ALA A 531 -20.79 7.02 -14.02
CA ALA A 531 -20.78 5.71 -14.66
C ALA A 531 -20.01 5.76 -15.96
N LYS A 532 -19.00 4.87 -16.06
CA LYS A 532 -18.09 4.73 -17.22
C LYS A 532 -17.43 6.07 -17.59
N ALA A 533 -16.66 6.59 -16.62
CA ALA A 533 -16.26 8.00 -16.61
C ALA A 533 -15.33 8.36 -17.77
N PHE A 534 -14.25 7.59 -17.95
CA PHE A 534 -13.37 7.81 -19.08
C PHE A 534 -14.06 7.46 -20.39
N ASP A 535 -14.81 6.35 -20.39
CA ASP A 535 -15.36 5.78 -21.62
C ASP A 535 -16.54 6.55 -22.22
N THR A 536 -16.99 7.66 -21.61
CA THR A 536 -18.15 8.38 -22.14
C THR A 536 -17.88 9.82 -22.54
N VAL A 537 -16.65 10.33 -22.38
CA VAL A 537 -16.35 11.73 -22.68
C VAL A 537 -16.36 11.96 -24.18
N SER A 538 -17.09 12.99 -24.62
CA SER A 538 -17.20 13.33 -26.03
C SER A 538 -15.91 13.94 -26.56
N HIS A 539 -15.59 13.65 -27.83
CA HIS A 539 -14.44 14.27 -28.49
C HIS A 539 -14.63 15.77 -28.66
N GLU A 540 -15.85 16.17 -29.07
CA GLU A 540 -16.17 17.57 -29.37
C GLU A 540 -16.07 18.46 -28.13
N ALA A 541 -16.72 18.04 -27.04
CA ALA A 541 -16.75 18.82 -25.81
C ALA A 541 -15.37 18.93 -25.18
N LEU A 542 -14.60 17.84 -25.20
CA LEU A 542 -13.25 17.84 -24.64
C LEU A 542 -12.29 18.73 -25.45
N VAL A 543 -12.31 18.60 -26.78
CA VAL A 543 -11.37 19.34 -27.61
C VAL A 543 -11.69 20.83 -27.61
N GLU A 544 -12.97 21.21 -27.71
CA GLU A 544 -13.29 22.63 -27.60
C GLU A 544 -13.18 23.17 -26.17
N LEU A 545 -13.27 22.33 -25.13
CA LEU A 545 -12.96 22.83 -23.78
C LEU A 545 -11.46 23.11 -23.64
N LEU A 546 -10.62 22.22 -24.17
CA LEU A 546 -9.17 22.44 -24.17
C LEU A 546 -8.79 23.64 -25.03
N ARG A 547 -9.54 23.89 -26.11
CA ARG A 547 -9.33 25.11 -26.89
C ARG A 547 -9.72 26.36 -26.11
N LEU A 548 -10.85 26.32 -25.40
CA LEU A 548 -11.27 27.50 -24.65
C LEU A 548 -10.59 27.61 -23.29
N ARG A 549 -9.86 26.58 -22.86
CA ARG A 549 -8.99 26.69 -21.68
C ARG A 549 -7.76 27.55 -21.91
N GLY A 550 -7.43 27.89 -23.15
CA GLY A 550 -6.21 28.62 -23.45
C GLY A 550 -5.00 27.76 -23.70
N MET A 551 -5.19 26.48 -23.99
CA MET A 551 -4.09 25.61 -24.38
C MET A 551 -3.60 25.99 -25.78
N PRO A 552 -2.34 25.68 -26.12
CA PRO A 552 -1.85 25.95 -27.48
C PRO A 552 -2.59 25.17 -28.56
N GLU A 553 -2.72 25.79 -29.73
CA GLU A 553 -3.53 25.25 -30.82
C GLU A 553 -2.91 23.99 -31.42
N GLN A 554 -1.58 23.87 -31.38
CA GLN A 554 -0.91 22.66 -31.86
C GLN A 554 -1.24 21.45 -30.99
N PHE A 555 -1.30 21.65 -29.67
CA PHE A 555 -1.68 20.58 -28.74
C PHE A 555 -3.12 20.16 -28.94
N CYS A 556 -4.03 21.13 -29.13
CA CYS A 556 -5.44 20.81 -29.35
C CYS A 556 -5.66 20.10 -30.67
N GLY A 557 -4.94 20.51 -31.72
CA GLY A 557 -4.98 19.81 -32.98
C GLY A 557 -4.39 18.42 -32.90
N TYR A 558 -3.36 18.22 -32.06
CA TYR A 558 -2.79 16.90 -31.84
C TYR A 558 -3.78 15.96 -31.17
N ILE A 559 -4.46 16.45 -30.12
CA ILE A 559 -5.46 15.63 -29.42
C ILE A 559 -6.65 15.34 -30.33
N ALA A 560 -7.08 16.33 -31.12
CA ALA A 560 -8.19 16.16 -32.06
C ALA A 560 -7.86 15.15 -33.16
N HIS A 561 -6.63 15.22 -33.70
CA HIS A 561 -6.24 14.26 -34.72
C HIS A 561 -5.96 12.88 -34.14
N LEU A 562 -5.48 12.81 -32.90
CA LEU A 562 -5.26 11.53 -32.24
C LEU A 562 -6.56 10.79 -32.00
N TYR A 563 -7.56 11.48 -31.44
CA TYR A 563 -8.82 10.80 -31.17
C TYR A 563 -9.76 10.77 -32.37
N ASP A 564 -9.45 11.52 -33.43
CA ASP A 564 -10.20 11.38 -34.68
C ASP A 564 -9.92 10.03 -35.34
N THR A 565 -8.66 9.60 -35.34
CA THR A 565 -8.24 8.39 -36.03
C THR A 565 -8.11 7.18 -35.11
N ALA A 566 -8.89 7.12 -34.04
CA ALA A 566 -8.78 6.02 -33.09
C ALA A 566 -9.47 4.78 -33.62
N SER A 567 -8.70 3.70 -33.80
CA SER A 567 -9.24 2.40 -34.16
C SER A 567 -8.64 1.35 -33.23
N THR A 568 -9.45 0.34 -32.92
CA THR A 568 -9.12 -0.61 -31.85
C THR A 568 -9.61 -2.00 -32.21
N THR A 569 -8.81 -3.01 -31.85
CA THR A 569 -9.19 -4.41 -31.94
C THR A 569 -9.48 -4.96 -30.54
N LEU A 570 -10.69 -5.48 -30.34
CA LEU A 570 -11.01 -6.14 -29.08
C LEU A 570 -10.44 -7.54 -29.06
N ALA A 571 -9.79 -7.91 -27.95
CA ALA A 571 -9.22 -9.24 -27.79
C ALA A 571 -9.77 -9.86 -26.51
N VAL A 572 -10.50 -10.97 -26.66
CA VAL A 572 -11.06 -11.70 -25.53
C VAL A 572 -10.60 -13.14 -25.60
N ASN A 573 -9.71 -13.53 -24.67
CA ASN A 573 -9.16 -14.89 -24.51
C ASN A 573 -8.51 -15.39 -25.81
N ASN A 574 -7.63 -14.54 -26.36
CA ASN A 574 -6.87 -14.76 -27.60
C ASN A 574 -7.76 -14.94 -28.83
N GLU A 575 -9.00 -14.46 -28.79
CA GLU A 575 -9.84 -14.33 -29.98
C GLU A 575 -10.05 -12.85 -30.25
N MET A 576 -9.69 -12.41 -31.46
CA MET A 576 -9.65 -11.00 -31.80
C MET A 576 -10.85 -10.63 -32.66
N SER A 577 -11.42 -9.46 -32.38
CA SER A 577 -12.56 -8.95 -33.12
C SER A 577 -12.13 -8.30 -34.44
N SER A 578 -13.15 -8.00 -35.25
CA SER A 578 -13.00 -7.04 -36.33
C SER A 578 -12.78 -5.65 -35.73
N PRO A 579 -12.01 -4.77 -36.41
CA PRO A 579 -11.62 -3.49 -35.78
C PRO A 579 -12.78 -2.53 -35.53
N VAL A 580 -12.71 -1.85 -34.39
CA VAL A 580 -13.78 -1.00 -33.89
C VAL A 580 -13.37 0.46 -34.02
N LYS A 581 -14.25 1.27 -34.61
CA LYS A 581 -14.03 2.71 -34.63
C LYS A 581 -14.63 3.31 -33.36
N VAL A 582 -13.87 4.19 -32.71
CA VAL A 582 -14.18 4.67 -31.37
C VAL A 582 -14.69 6.09 -31.45
N GLY A 583 -15.87 6.34 -30.86
CA GLY A 583 -16.47 7.67 -30.87
C GLY A 583 -16.53 8.39 -29.54
N ARG A 584 -16.23 7.69 -28.45
CA ARG A 584 -16.16 8.30 -27.13
C ARG A 584 -14.73 8.20 -26.62
N GLY A 585 -14.21 9.30 -26.09
CA GLY A 585 -12.78 9.48 -25.94
C GLY A 585 -12.20 8.87 -24.69
N VAL A 586 -10.95 9.28 -24.40
CA VAL A 586 -10.17 9.01 -23.20
C VAL A 586 -9.92 7.52 -23.03
N ARG A 587 -8.80 7.06 -23.58
CA ARG A 587 -8.40 5.66 -23.47
C ARG A 587 -7.96 5.33 -22.06
N GLN A 588 -8.49 4.25 -21.49
CA GLN A 588 -7.97 3.75 -20.22
C GLN A 588 -6.64 3.05 -20.47
N GLY A 589 -5.54 3.73 -20.18
CA GLY A 589 -4.24 3.17 -20.46
C GLY A 589 -3.31 4.12 -21.19
N ASP A 590 -3.81 5.30 -21.55
CA ASP A 590 -2.97 6.33 -22.14
C ASP A 590 -2.49 7.29 -21.04
N PRO A 591 -1.21 7.71 -21.11
CA PRO A 591 -0.67 8.63 -20.08
C PRO A 591 -1.33 9.99 -20.02
N LEU A 592 -1.84 10.51 -21.14
CA LEU A 592 -2.44 11.84 -21.14
C LEU A 592 -3.88 11.83 -20.60
N SER A 593 -4.50 10.66 -20.52
CA SER A 593 -5.92 10.53 -20.18
C SER A 593 -6.34 11.03 -18.79
N PRO A 594 -5.62 10.75 -17.66
CA PRO A 594 -6.00 11.40 -16.39
C PRO A 594 -5.92 12.91 -16.39
N ILE A 595 -4.89 13.47 -17.06
CA ILE A 595 -4.70 14.92 -17.10
C ILE A 595 -5.78 15.57 -17.95
N LEU A 596 -6.26 14.87 -18.99
CA LEU A 596 -7.39 15.38 -19.77
C LEU A 596 -8.71 15.26 -19.01
N PHE A 597 -8.87 14.21 -18.21
CA PHE A 597 -10.10 14.04 -17.43
C PHE A 597 -10.21 15.07 -16.31
N ASN A 598 -9.05 15.49 -15.77
CA ASN A 598 -9.05 16.56 -14.75
C ASN A 598 -9.56 17.89 -15.31
N VAL A 599 -9.31 18.16 -16.59
CA VAL A 599 -9.82 19.36 -17.24
C VAL A 599 -11.34 19.32 -17.35
N VAL A 600 -11.90 18.13 -17.59
CA VAL A 600 -13.35 17.92 -17.57
C VAL A 600 -13.91 18.14 -16.15
N MET A 601 -13.21 17.62 -15.13
CA MET A 601 -13.69 17.74 -13.76
C MET A 601 -13.62 19.17 -13.22
N ASP A 602 -12.70 19.99 -13.76
CA ASP A 602 -12.60 21.39 -13.32
C ASP A 602 -13.86 22.19 -13.63
N LEU A 603 -14.50 21.92 -14.77
CA LEU A 603 -15.74 22.60 -15.13
C LEU A 603 -16.88 22.26 -14.18
N ILE A 604 -16.99 20.98 -13.82
CA ILE A 604 -18.02 20.50 -12.90
C ILE A 604 -17.81 21.08 -11.51
N LEU A 605 -16.55 21.10 -11.04
CA LEU A 605 -16.23 21.70 -9.75
C LEU A 605 -16.45 23.22 -9.75
N ALA A 606 -16.20 23.87 -10.89
CA ALA A 606 -16.41 25.31 -10.98
C ALA A 606 -17.89 25.68 -10.98
N SER A 607 -18.75 24.81 -11.51
CA SER A 607 -20.15 25.17 -11.69
C SER A 607 -21.00 25.02 -10.43
N LEU A 608 -20.40 24.66 -9.29
CA LEU A 608 -21.11 24.57 -8.02
C LEU A 608 -21.57 25.95 -7.55
N PRO A 609 -22.69 26.03 -6.80
CA PRO A 609 -23.08 27.30 -6.19
C PRO A 609 -22.08 27.77 -5.14
N GLU A 610 -21.98 29.09 -5.00
CA GLU A 610 -20.77 29.72 -4.47
C GLU A 610 -20.60 29.54 -2.97
N ARG A 611 -21.69 29.61 -2.19
CA ARG A 611 -21.61 29.64 -0.74
C ARG A 611 -22.36 28.49 -0.09
N VAL A 612 -22.64 27.43 -0.84
CA VAL A 612 -23.24 26.23 -0.28
C VAL A 612 -22.14 25.31 0.23
N GLY A 613 -22.27 24.88 1.48
CA GLY A 613 -21.31 23.95 2.06
C GLY A 613 -21.43 23.92 3.56
N TYR A 614 -20.55 23.11 4.17
CA TYR A 614 -20.48 22.97 5.61
C TYR A 614 -19.25 23.73 6.10
N ARG A 615 -19.44 24.60 7.09
CA ARG A 615 -18.37 25.42 7.61
C ARG A 615 -17.70 24.71 8.79
N LEU A 616 -16.49 24.20 8.55
CA LEU A 616 -15.69 23.52 9.55
C LEU A 616 -14.43 24.35 9.81
N GLU A 617 -14.32 24.86 11.05
CA GLU A 617 -13.22 25.74 11.52
C GLU A 617 -13.03 26.95 10.61
N MET A 618 -14.16 27.57 10.24
CA MET A 618 -14.33 28.77 9.40
C MET A 618 -13.94 28.57 7.94
N GLU A 619 -13.52 27.37 7.57
CA GLU A 619 -13.41 26.99 6.16
C GLU A 619 -14.73 26.40 5.69
N LEU A 620 -15.27 26.96 4.61
CA LEU A 620 -16.51 26.46 4.03
C LEU A 620 -16.16 25.30 3.09
N VAL A 621 -16.30 24.08 3.59
CA VAL A 621 -16.00 22.89 2.79
C VAL A 621 -17.20 22.61 1.88
N SER A 622 -17.02 22.84 0.58
CA SER A 622 -18.09 22.68 -0.39
C SER A 622 -18.05 21.34 -1.12
N ALA A 623 -16.87 20.89 -1.55
CA ALA A 623 -16.76 19.66 -2.31
C ALA A 623 -15.41 19.00 -2.08
N LEU A 624 -15.41 17.68 -2.15
CA LEU A 624 -14.19 16.87 -2.17
C LEU A 624 -14.20 16.04 -3.44
N ALA A 625 -13.10 16.10 -4.19
CA ALA A 625 -13.01 15.38 -5.45
C ALA A 625 -11.77 14.49 -5.47
N TYR A 626 -11.92 13.31 -6.08
CA TYR A 626 -10.82 12.38 -6.30
C TYR A 626 -11.18 11.61 -7.56
N ALA A 627 -10.60 12.02 -8.69
CA ALA A 627 -10.97 11.60 -10.05
C ALA A 627 -12.46 11.85 -10.29
N ASP A 628 -13.20 10.80 -10.67
CA ASP A 628 -14.63 10.94 -10.90
C ASP A 628 -15.47 10.90 -9.62
N ASP A 629 -14.87 10.51 -8.49
CA ASP A 629 -15.59 10.45 -7.22
C ASP A 629 -15.81 11.86 -6.68
N LEU A 630 -17.04 12.12 -6.22
CA LEU A 630 -17.41 13.42 -5.68
C LEU A 630 -18.16 13.27 -4.37
N VAL A 631 -17.84 14.12 -3.40
CA VAL A 631 -18.64 14.32 -2.20
C VAL A 631 -19.10 15.78 -2.17
N LEU A 632 -20.40 15.99 -2.06
CA LEU A 632 -20.96 17.33 -1.92
C LEU A 632 -21.48 17.52 -0.51
N LEU A 633 -21.23 18.71 0.04
CA LEU A 633 -21.69 19.07 1.38
C LEU A 633 -22.59 20.29 1.29
N ALA A 634 -23.57 20.37 2.19
CA ALA A 634 -24.54 21.45 2.18
C ALA A 634 -25.07 21.69 3.58
N GLY A 635 -25.57 22.90 3.80
CA GLY A 635 -26.21 23.25 5.06
C GLY A 635 -27.69 22.92 5.09
N SER A 636 -28.37 23.04 3.95
CA SER A 636 -29.81 22.82 3.87
C SER A 636 -30.11 21.86 2.72
N LYS A 637 -31.36 21.39 2.70
CA LYS A 637 -31.87 20.56 1.60
C LYS A 637 -31.81 21.31 0.28
N VAL A 638 -32.14 22.60 0.32
CA VAL A 638 -32.23 23.45 -0.86
C VAL A 638 -30.86 23.59 -1.53
N GLY A 639 -29.83 23.83 -0.72
CA GLY A 639 -28.48 24.00 -1.24
C GLY A 639 -27.92 22.72 -1.85
N MET A 640 -28.23 21.57 -1.25
CA MET A 640 -27.80 20.32 -1.86
C MET A 640 -28.56 20.06 -3.16
N GLN A 641 -29.86 20.38 -3.19
CA GLN A 641 -30.67 20.10 -4.38
C GLN A 641 -30.22 20.93 -5.58
N GLU A 642 -29.85 22.20 -5.35
CA GLU A 642 -29.29 22.97 -6.46
C GLU A 642 -27.87 22.53 -6.78
N SER A 643 -27.12 22.02 -5.79
CA SER A 643 -25.79 21.47 -6.08
C SER A 643 -25.85 20.21 -6.93
N ILE A 644 -26.80 19.31 -6.62
CA ILE A 644 -27.01 18.09 -7.40
C ILE A 644 -27.47 18.43 -8.80
N SER A 645 -28.36 19.43 -8.94
CA SER A 645 -28.80 19.87 -10.26
C SER A 645 -27.66 20.48 -11.08
N ALA A 646 -26.75 21.22 -10.43
CA ALA A 646 -25.58 21.76 -11.12
C ALA A 646 -24.62 20.66 -11.58
N VAL A 647 -24.33 19.70 -10.69
CA VAL A 647 -23.43 18.59 -11.01
C VAL A 647 -24.02 17.72 -12.12
N ASP A 648 -25.33 17.43 -12.04
CA ASP A 648 -26.03 16.64 -13.05
C ASP A 648 -26.03 17.34 -14.40
N CYS A 649 -26.33 18.64 -14.42
CA CYS A 649 -26.42 19.39 -15.67
C CYS A 649 -25.06 19.49 -16.36
N VAL A 650 -24.02 19.84 -15.61
CA VAL A 650 -22.70 19.99 -16.23
C VAL A 650 -22.08 18.62 -16.53
N GLY A 651 -22.52 17.57 -15.85
CA GLY A 651 -22.21 16.22 -16.27
C GLY A 651 -22.85 15.84 -17.60
N ARG A 652 -24.13 16.19 -17.79
CA ARG A 652 -24.80 15.90 -19.06
C ARG A 652 -24.28 16.78 -20.20
N GLN A 653 -23.69 17.95 -19.88
CA GLN A 653 -23.04 18.76 -20.91
C GLN A 653 -21.81 18.10 -21.50
N MET A 654 -21.13 17.24 -20.73
CA MET A 654 -19.89 16.64 -21.20
C MET A 654 -20.06 15.21 -21.72
N GLY A 655 -21.22 14.61 -21.53
CA GLY A 655 -21.43 13.21 -21.88
C GLY A 655 -21.34 12.26 -20.72
N LEU A 656 -21.15 12.78 -19.51
CA LEU A 656 -21.09 11.96 -18.31
C LEU A 656 -22.49 11.74 -17.73
N ARG A 657 -22.68 10.59 -17.11
CA ARG A 657 -23.92 10.26 -16.43
C ARG A 657 -23.60 9.78 -15.02
N LEU A 658 -24.36 10.26 -14.05
CA LEU A 658 -24.14 9.90 -12.66
C LEU A 658 -24.58 8.47 -12.40
N ASN A 659 -23.74 7.73 -11.67
CA ASN A 659 -23.91 6.30 -11.44
C ASN A 659 -25.01 6.15 -10.40
N CYS A 660 -26.22 5.82 -10.88
CA CYS A 660 -27.40 5.71 -10.01
C CYS A 660 -27.35 4.50 -9.09
N ARG A 661 -26.51 3.50 -9.39
CA ARG A 661 -26.38 2.33 -8.54
C ARG A 661 -25.62 2.67 -7.25
N LYS A 662 -24.74 3.68 -7.30
CA LYS A 662 -23.84 3.98 -6.20
C LYS A 662 -24.02 5.37 -5.59
N SER A 663 -24.76 6.28 -6.24
CA SER A 663 -24.99 7.59 -5.66
C SER A 663 -25.98 7.50 -4.50
N ALA A 664 -25.63 8.13 -3.38
CA ALA A 664 -26.46 8.08 -2.19
C ALA A 664 -26.23 9.35 -1.36
N VAL A 665 -27.19 9.62 -0.48
CA VAL A 665 -27.24 10.86 0.31
C VAL A 665 -27.37 10.52 1.79
N LEU A 666 -26.53 11.14 2.62
CA LEU A 666 -26.69 11.11 4.06
C LEU A 666 -27.14 12.48 4.54
N SER A 667 -28.15 12.53 5.41
CA SER A 667 -28.80 13.80 5.73
C SER A 667 -29.16 13.84 7.21
N MET A 668 -28.58 14.78 7.95
CA MET A 668 -28.81 14.95 9.38
C MET A 668 -29.53 16.26 9.66
N ILE A 669 -30.66 16.18 10.36
CA ILE A 669 -31.40 17.35 10.83
C ILE A 669 -31.61 17.24 12.35
N PRO A 670 -30.90 18.01 13.16
CA PRO A 670 -31.00 17.88 14.61
C PRO A 670 -32.26 18.52 15.19
N ASP A 671 -32.56 18.14 16.42
CA ASP A 671 -33.62 18.74 17.23
C ASP A 671 -33.03 19.70 18.25
N GLY A 672 -33.42 20.97 18.18
CA GLY A 672 -33.26 21.87 19.31
C GLY A 672 -34.32 21.59 20.36
N HIS A 673 -34.10 22.10 21.59
CA HIS A 673 -34.93 22.04 22.80
C HIS A 673 -34.99 20.65 23.44
N ARG A 674 -34.46 19.63 22.76
CA ARG A 674 -34.21 18.31 23.33
C ARG A 674 -32.77 17.87 23.15
N LYS A 675 -32.05 18.51 22.21
CA LYS A 675 -30.64 18.27 21.87
C LYS A 675 -30.41 16.82 21.42
N LYS A 676 -31.11 16.46 20.35
CA LYS A 676 -31.11 15.12 19.76
C LYS A 676 -30.54 15.18 18.36
N HIS A 677 -29.69 14.21 18.02
CA HIS A 677 -29.31 14.02 16.62
C HIS A 677 -30.31 13.11 15.92
N HIS A 678 -30.52 13.37 14.62
CA HIS A 678 -31.54 12.65 13.87
C HIS A 678 -31.15 12.60 12.41
N TYR A 679 -31.26 11.41 11.80
CA TYR A 679 -30.97 11.20 10.39
C TYR A 679 -32.25 10.85 9.65
N LEU A 680 -32.42 11.41 8.45
CA LEU A 680 -33.60 11.15 7.66
C LEU A 680 -33.62 9.72 7.13
N THR A 681 -34.83 9.21 6.91
CA THR A 681 -35.02 7.89 6.31
C THR A 681 -35.74 7.92 4.97
N GLU A 682 -36.61 8.89 4.73
CA GLU A 682 -37.34 8.98 3.47
C GLU A 682 -36.51 9.70 2.41
N ARG A 683 -36.67 9.26 1.17
CA ARG A 683 -35.87 9.76 0.05
C ARG A 683 -36.33 11.14 -0.36
N THR A 684 -35.42 12.12 -0.31
CA THR A 684 -35.80 13.53 -0.47
C THR A 684 -35.09 14.29 -1.60
N PHE A 685 -34.16 13.67 -2.33
CA PHE A 685 -33.38 14.37 -3.34
C PHE A 685 -33.44 13.65 -4.68
N ASN A 686 -33.23 14.42 -5.76
CA ASN A 686 -33.46 13.96 -7.12
C ASN A 686 -32.26 14.22 -8.02
N ILE A 687 -31.98 13.28 -8.92
CA ILE A 687 -31.25 13.56 -10.15
C ILE A 687 -32.27 13.46 -11.28
N GLY A 688 -32.62 14.60 -11.87
CA GLY A 688 -33.56 14.69 -12.99
C GLY A 688 -34.96 14.17 -12.75
N GLY A 689 -35.40 14.14 -11.48
CA GLY A 689 -36.64 13.53 -11.10
C GLY A 689 -36.49 12.17 -10.44
N LYS A 690 -35.40 11.45 -10.70
CA LYS A 690 -35.20 10.13 -10.11
C LYS A 690 -34.76 10.25 -8.64
N PRO A 691 -35.50 9.65 -7.70
CA PRO A 691 -35.20 9.86 -6.27
C PRO A 691 -33.92 9.17 -5.83
N LEU A 692 -33.10 9.90 -5.07
CA LEU A 692 -31.83 9.38 -4.60
C LEU A 692 -32.01 8.56 -3.32
N ARG A 693 -31.06 7.66 -3.11
CA ARG A 693 -31.08 6.75 -1.97
C ARG A 693 -30.59 7.45 -0.70
N GLN A 694 -31.21 7.12 0.43
CA GLN A 694 -30.79 7.61 1.72
C GLN A 694 -29.89 6.60 2.42
N VAL A 695 -28.75 7.06 2.90
CA VAL A 695 -27.91 6.28 3.81
C VAL A 695 -28.53 6.36 5.19
N SER A 696 -28.87 5.20 5.76
CA SER A 696 -29.49 5.19 7.07
C SER A 696 -28.45 5.43 8.17
N CYS A 697 -28.94 5.56 9.40
CA CYS A 697 -28.07 5.82 10.56
C CYS A 697 -27.15 4.64 10.84
N VAL A 698 -27.63 3.42 10.61
CA VAL A 698 -26.83 2.22 10.87
C VAL A 698 -26.13 1.68 9.63
N GLU A 699 -26.33 2.31 8.46
CA GLU A 699 -25.73 1.82 7.22
C GLU A 699 -24.23 2.09 7.21
N ARG A 700 -23.49 1.12 6.65
CA ARG A 700 -22.04 1.16 6.56
C ARG A 700 -21.63 1.16 5.10
N TRP A 701 -20.78 2.10 4.71
CA TRP A 701 -20.35 2.18 3.32
C TRP A 701 -18.85 2.46 3.27
N ARG A 702 -18.27 2.26 2.09
CA ARG A 702 -16.82 2.29 1.88
C ARG A 702 -16.47 3.51 1.04
N TYR A 703 -15.56 4.33 1.54
CA TYR A 703 -15.11 5.54 0.85
C TYR A 703 -13.60 5.52 0.68
N LEU A 704 -13.14 5.42 -0.58
CA LEU A 704 -11.72 5.35 -0.98
C LEU A 704 -10.97 4.24 -0.24
N GLY A 705 -11.64 3.09 -0.08
CA GLY A 705 -11.05 2.00 0.66
C GLY A 705 -11.06 2.16 2.16
N VAL A 706 -11.85 3.09 2.69
CA VAL A 706 -12.02 3.28 4.13
C VAL A 706 -13.50 3.07 4.45
N ASP A 707 -13.78 2.30 5.49
CA ASP A 707 -15.15 2.05 5.92
C ASP A 707 -15.67 3.24 6.71
N PHE A 708 -16.84 3.74 6.31
CA PHE A 708 -17.50 4.85 6.99
C PHE A 708 -18.90 4.46 7.44
N GLU A 709 -19.32 5.06 8.54
CA GLU A 709 -20.72 5.08 8.97
C GLU A 709 -21.13 6.53 9.15
N ALA A 710 -22.32 6.74 9.72
CA ALA A 710 -22.86 8.08 9.92
C ALA A 710 -22.10 8.88 10.97
N SER A 711 -21.36 8.22 11.86
CA SER A 711 -20.59 8.88 12.90
C SER A 711 -19.13 9.06 12.54
N GLY A 712 -18.71 8.63 11.37
CA GLY A 712 -17.33 8.73 10.95
C GLY A 712 -16.71 7.37 10.67
N CYS A 713 -15.39 7.32 10.81
CA CYS A 713 -14.62 6.12 10.47
C CYS A 713 -14.88 4.99 11.45
N VAL A 714 -15.04 3.79 10.91
CA VAL A 714 -15.13 2.56 11.70
C VAL A 714 -14.03 1.61 11.24
N THR A 715 -13.99 0.42 11.84
CA THR A 715 -12.93 -0.54 11.57
C THR A 715 -13.13 -1.18 10.19
N LEU A 716 -12.03 -1.27 9.43
CA LEU A 716 -12.06 -1.84 8.07
C LEU A 716 -12.42 -3.32 8.10
N GLU A 717 -13.32 -3.71 7.20
CA GLU A 717 -13.67 -5.12 7.06
C GLU A 717 -12.53 -5.86 6.36
N HIS A 718 -12.10 -6.96 6.97
CA HIS A 718 -10.91 -7.66 6.51
C HIS A 718 -11.12 -9.17 6.58
N SER A 719 -10.33 -9.87 5.77
CA SER A 719 -10.43 -11.32 5.60
C SER A 719 -9.13 -12.04 5.94
N ILE A 720 -8.57 -11.76 7.12
CA ILE A 720 -7.27 -12.31 7.52
C ILE A 720 -7.30 -13.83 7.66
N SER A 721 -8.32 -14.37 8.32
CA SER A 721 -8.35 -15.79 8.65
C SER A 721 -8.58 -16.67 7.42
N SER A 722 -9.43 -16.22 6.49
CA SER A 722 -9.66 -16.94 5.24
C SER A 722 -8.42 -16.93 4.36
N ALA A 723 -7.71 -15.81 4.31
CA ALA A 723 -6.49 -15.71 3.53
C ALA A 723 -5.36 -16.57 4.11
N LEU A 724 -5.24 -16.59 5.44
CA LEU A 724 -4.25 -17.46 6.09
C LEU A 724 -4.61 -18.93 5.91
N ASN A 725 -5.91 -19.25 5.82
CA ASN A 725 -6.32 -20.60 5.46
C ASN A 725 -5.94 -20.94 4.02
N ASN A 726 -6.09 -19.99 3.11
CA ASN A 726 -5.79 -20.22 1.70
C ASN A 726 -4.29 -20.40 1.46
N ILE A 727 -3.45 -19.62 2.16
CA ILE A 727 -2.00 -19.77 2.01
C ILE A 727 -1.53 -21.11 2.57
N SER A 728 -2.15 -21.55 3.67
CA SER A 728 -1.77 -22.81 4.33
C SER A 728 -2.10 -24.05 3.51
N ARG A 729 -2.98 -23.95 2.51
CA ARG A 729 -3.37 -25.11 1.71
C ARG A 729 -2.83 -25.11 0.30
N ALA A 730 -2.23 -24.02 -0.15
CA ALA A 730 -1.66 -23.95 -1.49
C ALA A 730 -0.43 -24.85 -1.62
N PRO A 731 -0.18 -25.43 -2.81
CA PRO A 731 1.02 -26.29 -2.94
C PRO A 731 2.33 -25.49 -3.02
N LEU A 732 2.82 -25.10 -1.85
CA LEU A 732 3.95 -24.20 -1.72
C LEU A 732 5.03 -24.81 -0.84
N LYS A 733 6.26 -24.38 -1.09
CA LYS A 733 7.35 -24.60 -0.14
C LYS A 733 7.16 -23.66 1.05
N PRO A 734 7.69 -24.03 2.24
CA PRO A 734 7.46 -23.21 3.45
C PRO A 734 8.01 -21.78 3.41
N GLN A 735 9.14 -21.54 2.74
CA GLN A 735 9.65 -20.18 2.62
C GLN A 735 8.79 -19.32 1.69
N GLN A 736 8.10 -19.95 0.73
CA GLN A 736 7.23 -19.21 -0.17
C GLN A 736 5.99 -18.70 0.55
N ARG A 737 5.49 -19.45 1.53
CA ARG A 737 4.39 -18.98 2.37
C ARG A 737 4.80 -17.77 3.21
N LEU A 738 6.03 -17.79 3.73
CA LEU A 738 6.58 -16.66 4.47
C LEU A 738 6.72 -15.43 3.59
N GLU A 739 7.16 -15.62 2.33
CA GLU A 739 7.30 -14.47 1.42
C GLU A 739 5.95 -13.90 0.98
N ILE A 740 4.96 -14.76 0.76
CA ILE A 740 3.61 -14.28 0.42
C ILE A 740 2.98 -13.55 1.60
N LEU A 741 3.24 -14.02 2.84
CA LEU A 741 2.74 -13.32 4.01
C LEU A 741 3.45 -11.97 4.21
N ARG A 742 4.78 -11.96 4.09
CA ARG A 742 5.57 -10.74 4.30
C ARG A 742 5.26 -9.66 3.27
N ALA A 743 5.35 -10.02 1.99
CA ALA A 743 5.34 -9.02 0.93
C ALA A 743 3.97 -8.74 0.34
N HIS A 744 3.01 -9.64 0.50
CA HIS A 744 1.79 -9.53 -0.28
C HIS A 744 0.50 -9.48 0.53
N LEU A 745 0.41 -10.20 1.65
CA LEU A 745 -0.85 -10.21 2.39
C LEU A 745 -0.97 -9.03 3.35
N ILE A 746 0.04 -8.85 4.21
CA ILE A 746 -0.03 -7.79 5.24
C ILE A 746 -0.12 -6.36 4.70
N PRO A 747 0.63 -5.93 3.65
CA PRO A 747 0.41 -4.57 3.12
C PRO A 747 -0.97 -4.28 2.48
N ARG A 748 -1.85 -5.26 2.30
CA ARG A 748 -3.18 -4.99 1.76
C ARG A 748 -4.04 -4.22 2.74
N PHE A 749 -4.03 -4.61 4.01
CA PHE A 749 -4.91 -4.03 5.02
C PHE A 749 -4.27 -2.88 5.78
N GLN A 750 -3.02 -2.53 5.45
CA GLN A 750 -2.31 -1.41 6.07
C GLN A 750 -3.02 -0.08 5.82
N HIS A 751 -3.53 0.10 4.60
CA HIS A 751 -4.15 1.35 4.15
C HIS A 751 -5.40 1.68 4.97
N GLY A 752 -6.33 0.72 5.07
CA GLY A 752 -7.54 0.92 5.83
C GLY A 752 -7.36 0.92 7.34
N PHE A 753 -6.30 0.26 7.84
CA PHE A 753 -6.00 0.35 9.27
C PHE A 753 -5.43 1.71 9.64
N VAL A 754 -4.61 2.29 8.76
CA VAL A 754 -4.08 3.62 9.02
C VAL A 754 -5.18 4.68 8.90
N LEU A 755 -5.96 4.63 7.81
CA LEU A 755 -6.91 5.70 7.58
C LEU A 755 -8.20 5.52 8.36
N GLY A 756 -8.54 4.30 8.75
CA GLY A 756 -9.73 4.05 9.54
C GLY A 756 -9.52 4.26 11.02
N ASN A 757 -10.25 3.52 11.82
CA ASN A 757 -10.16 3.57 13.28
C ASN A 757 -10.11 2.15 13.82
N ILE A 758 -9.13 1.86 14.66
CA ILE A 758 -8.96 0.52 15.21
C ILE A 758 -8.42 0.64 16.62
N SER A 759 -8.78 -0.33 17.46
CA SER A 759 -8.33 -0.39 18.84
C SER A 759 -7.09 -1.27 18.97
N ASP A 760 -6.43 -1.15 20.13
CA ASP A 760 -5.24 -1.95 20.42
C ASP A 760 -5.60 -3.43 20.58
N ASP A 761 -6.81 -3.71 21.07
CA ASP A 761 -7.26 -5.08 21.36
C ASP A 761 -7.35 -5.92 20.09
N ARG A 762 -7.95 -5.35 19.03
CA ARG A 762 -8.18 -6.06 17.78
C ARG A 762 -6.88 -6.25 17.01
N LEU A 763 -5.99 -5.25 17.10
CA LEU A 763 -4.64 -5.36 16.56
C LEU A 763 -3.85 -6.46 17.27
N ARG A 764 -4.02 -6.56 18.59
CA ARG A 764 -3.32 -7.56 19.39
C ARG A 764 -3.79 -8.97 19.04
N MET A 765 -5.11 -9.17 18.89
CA MET A 765 -5.64 -10.45 18.40
C MET A 765 -5.24 -10.76 16.96
N LEU A 766 -5.07 -9.75 16.12
CA LEU A 766 -4.64 -9.98 14.74
C LEU A 766 -3.19 -10.45 14.69
N ASP A 767 -2.35 -9.88 15.56
CA ASP A 767 -0.98 -10.36 15.71
C ASP A 767 -0.92 -11.78 16.25
N VAL A 768 -1.85 -12.15 17.16
CA VAL A 768 -1.95 -13.52 17.66
C VAL A 768 -2.29 -14.50 16.53
N GLN A 769 -3.25 -14.12 15.67
CA GLN A 769 -3.61 -14.97 14.52
C GLN A 769 -2.46 -15.14 13.53
N ILE A 770 -1.73 -14.06 13.25
CA ILE A 770 -0.60 -14.12 12.32
C ILE A 770 0.54 -14.99 12.88
N ARG A 771 0.86 -14.83 14.17
CA ARG A 771 1.90 -15.65 14.79
C ARG A 771 1.50 -17.12 14.87
N LYS A 772 0.21 -17.41 15.09
CA LYS A 772 -0.25 -18.81 15.08
C LYS A 772 -0.13 -19.43 13.69
N ALA A 773 -0.41 -18.64 12.64
CA ALA A 773 -0.23 -19.12 11.26
C ALA A 773 1.24 -19.43 10.95
N VAL A 774 2.16 -18.54 11.35
CA VAL A 774 3.58 -18.77 11.13
C VAL A 774 4.09 -19.97 11.95
N GLY A 775 3.57 -20.11 13.18
CA GLY A 775 3.91 -21.26 14.00
C GLY A 775 3.41 -22.58 13.46
N GLN A 776 2.27 -22.56 12.75
CA GLN A 776 1.85 -23.78 12.03
C GLN A 776 2.75 -24.07 10.85
N TRP A 777 3.12 -23.06 10.07
CA TRP A 777 3.89 -23.29 8.84
C TRP A 777 5.32 -23.76 9.12
N LEU A 778 5.99 -23.17 10.12
CA LEU A 778 7.37 -23.54 10.38
C LEU A 778 7.52 -24.60 11.47
N ARG A 779 6.41 -25.11 12.01
CA ARG A 779 6.35 -26.15 13.05
C ARG A 779 7.14 -25.76 14.31
N LEU A 780 7.00 -24.50 14.71
CA LEU A 780 7.66 -23.90 15.86
C LEU A 780 6.86 -24.13 17.13
N PRO A 781 7.51 -24.23 18.29
CA PRO A 781 6.76 -24.25 19.55
C PRO A 781 6.24 -22.86 19.92
N ALA A 782 5.33 -22.84 20.89
CA ALA A 782 4.65 -21.61 21.26
C ALA A 782 5.53 -20.65 22.05
N ASP A 783 6.62 -21.11 22.63
CA ASP A 783 7.48 -20.28 23.46
C ASP A 783 8.67 -19.68 22.71
N VAL A 784 8.62 -19.67 21.38
CA VAL A 784 9.52 -18.91 20.52
C VAL A 784 9.33 -17.43 20.85
N PRO A 785 10.42 -16.66 21.02
CA PRO A 785 10.31 -15.23 21.35
C PRO A 785 9.54 -14.41 20.33
N LYS A 786 8.68 -13.53 20.86
CA LYS A 786 7.76 -12.70 20.09
C LYS A 786 8.47 -11.76 19.12
N ALA A 787 9.68 -11.32 19.47
CA ALA A 787 10.42 -10.40 18.60
C ALA A 787 11.02 -11.10 17.38
N TYR A 788 11.18 -12.42 17.40
CA TYR A 788 11.79 -13.15 16.29
C TYR A 788 10.91 -13.14 15.05
N TYR A 789 9.59 -13.15 15.24
CA TYR A 789 8.67 -13.00 14.12
C TYR A 789 8.77 -11.61 13.49
N HIS A 790 9.12 -10.59 14.27
CA HIS A 790 8.95 -9.21 13.85
C HIS A 790 10.25 -8.44 13.61
N ALA A 791 11.38 -8.89 14.15
CA ALA A 791 12.65 -8.22 13.90
C ALA A 791 13.11 -8.44 12.47
N ALA A 792 13.99 -7.55 12.00
CA ALA A 792 14.44 -7.54 10.62
C ALA A 792 15.35 -8.73 10.31
N VAL A 793 15.49 -9.00 9.01
CA VAL A 793 16.34 -10.09 8.52
C VAL A 793 17.79 -9.82 8.84
N GLN A 794 18.21 -8.54 8.76
CA GLN A 794 19.57 -8.15 9.12
C GLN A 794 19.85 -8.36 10.60
N ASP A 795 18.83 -8.20 11.45
CA ASP A 795 18.96 -8.42 12.88
C ASP A 795 18.81 -9.89 13.26
N GLY A 796 18.44 -10.76 12.33
CA GLY A 796 18.25 -12.17 12.60
C GLY A 796 16.81 -12.61 12.73
N GLY A 797 15.85 -11.71 12.58
CA GLY A 797 14.45 -12.06 12.62
C GLY A 797 13.92 -12.47 11.25
N LEU A 798 12.64 -12.84 11.24
CA LEU A 798 11.97 -13.30 10.03
C LEU A 798 11.18 -12.20 9.32
N ALA A 799 11.07 -11.02 9.93
CA ALA A 799 10.50 -9.79 9.34
C ALA A 799 9.04 -9.94 8.88
N ILE A 800 8.22 -10.63 9.67
CA ILE A 800 6.78 -10.52 9.52
C ILE A 800 6.34 -9.28 10.29
N PRO A 801 5.68 -8.31 9.65
CA PRO A 801 5.35 -7.05 10.35
C PRO A 801 4.28 -7.22 11.41
N SER A 802 4.58 -6.73 12.61
CA SER A 802 3.60 -6.68 13.69
C SER A 802 2.66 -5.52 13.45
N VAL A 803 1.37 -5.81 13.29
CA VAL A 803 0.38 -4.80 12.91
C VAL A 803 0.15 -3.82 14.07
N ARG A 804 0.20 -4.34 15.31
CA ARG A 804 0.07 -3.53 16.53
C ARG A 804 1.17 -2.49 16.66
N ALA A 805 2.39 -2.82 16.25
CA ALA A 805 3.48 -1.85 16.36
C ALA A 805 3.57 -0.95 15.13
N THR A 806 3.27 -1.49 13.94
CA THR A 806 3.50 -0.75 12.70
C THR A 806 2.42 0.31 12.46
N ILE A 807 1.14 -0.02 12.75
CA ILE A 807 0.04 0.90 12.40
C ILE A 807 0.05 2.24 13.14
N PRO A 808 0.31 2.34 14.47
CA PRO A 808 0.51 3.68 15.07
C PRO A 808 1.68 4.49 14.51
N ASP A 809 2.78 3.83 14.13
CA ASP A 809 3.92 4.51 13.53
C ASP A 809 3.53 5.15 12.20
N LEU A 810 2.75 4.43 11.40
CA LEU A 810 2.32 4.96 10.12
C LEU A 810 1.23 6.02 10.27
N ILE A 811 0.38 5.90 11.30
CA ILE A 811 -0.63 6.95 11.55
C ILE A 811 0.06 8.25 11.98
N VAL A 812 1.12 8.15 12.81
CA VAL A 812 1.91 9.32 13.17
C VAL A 812 2.60 9.91 11.93
N ARG A 813 3.26 9.06 11.13
CA ARG A 813 4.04 9.55 9.99
C ARG A 813 3.16 10.08 8.85
N ARG A 814 1.90 9.66 8.77
CA ARG A 814 1.03 10.27 7.77
C ARG A 814 0.24 11.46 8.31
N PHE A 815 -0.43 11.31 9.46
CA PHE A 815 -1.31 12.37 9.97
C PHE A 815 -0.54 13.54 10.57
N GLY A 816 0.73 13.37 10.95
CA GLY A 816 1.49 14.52 11.44
C GLY A 816 1.85 15.53 10.36
N GLY A 817 1.88 15.10 9.10
CA GLY A 817 2.13 16.00 7.99
C GLY A 817 0.91 16.77 7.53
N LEU A 818 -0.27 16.44 8.08
CA LEU A 818 -1.52 17.06 7.65
C LEU A 818 -1.60 18.54 8.03
N ASP A 819 -0.90 18.94 9.10
CA ASP A 819 -0.82 20.35 9.46
C ASP A 819 -0.05 21.16 8.44
N SER A 820 0.89 20.54 7.73
CA SER A 820 1.73 21.22 6.75
C SER A 820 1.22 21.09 5.32
N SER A 821 -0.05 20.72 5.15
CA SER A 821 -0.63 20.60 3.81
C SER A 821 -0.77 21.97 3.14
N PRO A 822 -0.62 22.03 1.83
CA PRO A 822 -0.95 23.28 1.12
C PRO A 822 -2.44 23.58 1.12
N TRP A 823 -3.28 22.56 1.13
CA TRP A 823 -4.72 22.75 1.09
C TRP A 823 -5.22 23.18 2.47
N SER A 824 -5.99 24.27 2.50
CA SER A 824 -6.43 24.86 3.77
C SER A 824 -7.50 24.02 4.45
N VAL A 825 -8.25 23.23 3.68
CA VAL A 825 -9.32 22.41 4.23
C VAL A 825 -8.73 21.27 5.06
N ALA A 826 -7.60 20.70 4.59
CA ALA A 826 -6.91 19.68 5.37
C ALA A 826 -6.28 20.25 6.63
N ARG A 827 -5.80 21.50 6.58
CA ARG A 827 -5.30 22.17 7.78
C ARG A 827 -6.41 22.50 8.76
N ALA A 828 -7.63 22.74 8.27
CA ALA A 828 -8.78 22.87 9.15
C ALA A 828 -9.15 21.53 9.76
N ALA A 829 -9.04 20.45 8.98
CA ALA A 829 -9.35 19.10 9.47
C ALA A 829 -8.35 18.65 10.51
N ALA A 830 -7.08 19.09 10.40
CA ALA A 830 -6.06 18.76 11.39
C ALA A 830 -6.36 19.35 12.77
N LYS A 831 -7.07 20.48 12.81
CA LYS A 831 -7.47 21.10 14.07
C LYS A 831 -8.68 20.41 14.71
N SER A 832 -9.37 19.54 13.97
CA SER A 832 -10.59 18.91 14.48
C SER A 832 -10.30 17.91 15.59
N ASP A 833 -11.35 17.58 16.34
CA ASP A 833 -11.21 16.85 17.60
C ASP A 833 -10.85 15.38 17.37
N LYS A 834 -11.44 14.76 16.35
CA LYS A 834 -11.24 13.34 16.07
C LYS A 834 -9.81 13.02 15.68
N ILE A 835 -9.26 13.80 14.75
CA ILE A 835 -7.90 13.58 14.25
C ILE A 835 -6.87 13.90 15.32
N ARG A 836 -7.15 14.91 16.15
CA ARG A 836 -6.31 15.25 17.29
C ARG A 836 -6.28 14.11 18.33
N LYS A 837 -7.44 13.54 18.65
CA LYS A 837 -7.53 12.43 19.58
C LYS A 837 -6.85 11.17 19.02
N LYS A 838 -7.06 10.91 17.73
CA LYS A 838 -6.43 9.79 17.04
C LYS A 838 -4.91 9.92 17.03
N LEU A 839 -4.41 11.14 16.79
CA LEU A 839 -2.97 11.38 16.77
C LEU A 839 -2.36 11.29 18.16
N ARG A 840 -3.10 11.69 19.21
CA ARG A 840 -2.61 11.49 20.58
C ARG A 840 -2.51 10.01 20.93
N TRP A 841 -3.53 9.22 20.53
CA TRP A 841 -3.49 7.77 20.76
C TRP A 841 -2.35 7.12 19.98
N ALA A 842 -2.14 7.56 18.73
CA ALA A 842 -1.06 7.04 17.89
C ALA A 842 0.31 7.39 18.46
N TRP A 843 0.47 8.60 18.99
CA TRP A 843 1.73 8.97 19.63
C TRP A 843 1.98 8.19 20.91
N LYS A 844 0.94 7.93 21.70
CA LYS A 844 1.09 7.12 22.91
C LYS A 844 1.51 5.68 22.59
N GLN A 845 0.83 5.07 21.62
CA GLN A 845 1.17 3.69 21.23
C GLN A 845 2.51 3.61 20.52
N LEU A 846 2.88 4.66 19.77
CA LEU A 846 4.21 4.70 19.16
C LEU A 846 5.31 4.83 20.20
N ARG A 847 5.11 5.68 21.22
CA ARG A 847 6.08 5.80 22.30
C ARG A 847 6.15 4.53 23.15
N ARG A 848 5.07 3.74 23.18
CA ARG A 848 5.10 2.47 23.91
C ARG A 848 5.94 1.43 23.18
N PHE A 849 5.85 1.35 21.85
CA PHE A 849 6.48 0.29 21.07
C PHE A 849 7.61 0.78 20.14
N SER A 850 8.45 1.69 20.59
CA SER A 850 9.59 2.11 19.77
C SER A 850 10.75 2.55 20.65
N ARG A 851 11.91 2.66 20.01
CA ARG A 851 13.10 3.24 20.61
C ARG A 851 13.57 4.39 19.72
N VAL A 852 14.19 5.38 20.35
CA VAL A 852 14.72 6.52 19.60
C VAL A 852 15.99 6.09 18.88
N ASP A 853 16.04 6.35 17.58
CA ASP A 853 17.22 6.04 16.78
C ASP A 853 18.37 6.97 17.15
N SER A 854 19.58 6.42 17.25
CA SER A 854 20.74 7.18 17.72
C SER A 854 21.12 8.33 16.79
N THR A 855 21.08 8.09 15.48
CA THR A 855 21.53 9.12 14.54
C THR A 855 20.44 10.14 14.21
N THR A 856 19.29 9.70 13.70
CA THR A 856 18.30 10.63 13.18
C THR A 856 17.30 11.13 14.22
N GLN A 857 17.30 10.56 15.43
CA GLN A 857 16.48 10.90 16.59
C GLN A 857 14.98 10.72 16.36
N ARG A 858 14.59 9.94 15.35
CA ARG A 858 13.20 9.58 15.13
C ARG A 858 12.87 8.30 15.90
N PRO A 859 11.62 8.09 16.30
CA PRO A 859 11.24 6.80 16.89
C PRO A 859 11.19 5.70 15.85
N SER A 860 11.67 4.51 16.23
CA SER A 860 11.77 3.40 15.29
C SER A 860 11.33 2.10 15.96
N VAL A 861 10.51 1.33 15.24
CA VAL A 861 9.98 0.06 15.71
C VAL A 861 11.05 -1.04 15.61
N ARG A 862 11.97 -0.90 14.64
CA ARG A 862 13.02 -1.88 14.40
C ARG A 862 13.96 -2.03 15.58
N LEU A 863 14.35 -0.92 16.22
CA LEU A 863 15.22 -1.00 17.38
C LEU A 863 14.52 -1.57 18.60
N PHE A 864 13.20 -1.38 18.72
CA PHE A 864 12.41 -2.01 19.77
C PHE A 864 12.41 -3.53 19.63
N TRP A 865 12.17 -4.03 18.40
CA TRP A 865 12.23 -5.47 18.19
C TRP A 865 13.65 -6.02 18.25
N ARG A 866 14.65 -5.21 17.87
CA ARG A 866 16.05 -5.64 17.97
C ARG A 866 16.47 -5.81 19.42
N GLU A 867 16.09 -4.85 20.28
CA GLU A 867 16.39 -4.94 21.71
C GLU A 867 15.67 -6.10 22.36
N HIS A 868 14.41 -6.34 21.99
CA HIS A 868 13.67 -7.45 22.60
C HIS A 868 14.14 -8.80 22.09
N LEU A 869 14.61 -8.88 20.85
CA LEU A 869 15.17 -10.13 20.35
C LEU A 869 16.53 -10.42 20.98
N HIS A 870 17.42 -9.42 21.00
CA HIS A 870 18.76 -9.61 21.55
C HIS A 870 18.78 -9.69 23.07
N ALA A 871 17.70 -9.31 23.74
CA ALA A 871 17.62 -9.48 25.19
C ALA A 871 17.12 -10.86 25.59
N SER A 872 16.35 -11.52 24.72
CA SER A 872 15.77 -12.81 25.03
C SER A 872 16.83 -13.91 25.05
N VAL A 873 16.48 -15.03 25.71
CA VAL A 873 17.42 -16.13 25.92
C VAL A 873 17.79 -16.80 24.59
N ASP A 874 16.78 -17.13 23.79
CA ASP A 874 17.03 -17.84 22.54
C ASP A 874 17.59 -16.93 21.46
N GLY A 875 17.29 -15.63 21.53
CA GLY A 875 17.73 -14.68 20.53
C GLY A 875 19.05 -13.99 20.84
N ARG A 876 19.63 -14.29 22.01
CA ARG A 876 20.83 -13.62 22.50
C ARG A 876 22.04 -13.84 21.59
N GLU A 877 22.18 -15.05 21.03
CA GLU A 877 23.31 -15.39 20.18
C GLU A 877 23.25 -14.75 18.80
N LEU A 878 22.11 -14.17 18.43
CA LEU A 878 21.95 -13.53 17.13
C LEU A 878 22.35 -12.06 17.12
N ARG A 879 22.91 -11.55 18.23
CA ARG A 879 23.14 -10.12 18.40
C ARG A 879 24.21 -9.57 17.46
N GLU A 880 25.16 -10.40 17.03
CA GLU A 880 26.19 -9.92 16.10
C GLU A 880 25.78 -10.03 14.64
N SER A 881 24.57 -10.51 14.36
CA SER A 881 24.09 -10.61 12.97
C SER A 881 23.87 -9.23 12.34
N THR A 882 23.63 -8.21 13.17
CA THR A 882 23.41 -6.85 12.68
C THR A 882 24.65 -6.29 11.98
N ARG A 883 25.84 -6.61 12.48
CA ARG A 883 27.08 -6.09 11.93
C ARG A 883 27.45 -6.71 10.59
N THR A 884 26.92 -7.90 10.29
CA THR A 884 27.27 -8.66 9.08
C THR A 884 25.99 -9.04 8.35
N PRO A 885 25.54 -8.21 7.40
CA PRO A 885 24.32 -8.55 6.64
C PRO A 885 24.45 -9.75 5.71
N THR A 886 25.66 -10.22 5.41
CA THR A 886 25.83 -11.40 4.56
C THR A 886 25.50 -12.69 5.29
N SER A 887 25.44 -12.67 6.63
CA SER A 887 25.17 -13.88 7.40
C SER A 887 23.74 -14.41 7.19
N THR A 888 22.78 -13.52 6.96
CA THR A 888 21.38 -13.89 6.89
C THR A 888 20.79 -13.72 5.49
N LYS A 889 21.61 -13.89 4.45
CA LYS A 889 21.06 -13.89 3.09
C LYS A 889 20.29 -15.17 2.80
N TRP A 890 20.53 -16.23 3.57
CA TRP A 890 19.81 -17.49 3.43
C TRP A 890 18.33 -17.37 3.80
N ILE A 891 17.96 -16.39 4.62
CA ILE A 891 16.59 -16.28 5.11
C ILE A 891 15.64 -15.86 3.99
N ARG A 892 16.00 -14.84 3.23
CA ARG A 892 15.03 -14.29 2.27
C ARG A 892 15.59 -14.24 0.86
N GLU A 893 16.88 -13.94 0.71
CA GLU A 893 17.44 -13.74 -0.63
C GLU A 893 17.75 -15.07 -1.31
N ARG A 894 18.41 -15.98 -0.59
CA ARG A 894 18.81 -17.27 -1.16
C ARG A 894 17.92 -18.41 -0.71
N CYS A 895 16.70 -18.11 -0.24
CA CYS A 895 15.80 -19.16 0.26
C CYS A 895 15.29 -20.06 -0.85
N ALA A 896 15.20 -19.55 -2.09
CA ALA A 896 14.74 -20.35 -3.20
C ALA A 896 15.77 -21.39 -3.65
N GLN A 897 17.03 -21.23 -3.25
CA GLN A 897 18.08 -22.16 -3.57
C GLN A 897 18.23 -23.26 -2.52
N ILE A 898 17.31 -23.30 -1.55
CA ILE A 898 17.36 -24.24 -0.43
C ILE A 898 16.07 -25.02 -0.43
N THR A 899 16.17 -26.34 -0.24
CA THR A 899 14.99 -27.21 -0.20
C THR A 899 14.14 -26.92 1.04
N GLY A 900 12.84 -27.23 0.93
CA GLY A 900 11.89 -26.83 1.96
C GLY A 900 12.05 -27.56 3.28
N ARG A 901 12.56 -28.79 3.24
CA ARG A 901 12.92 -29.50 4.47
C ARG A 901 14.09 -28.82 5.17
N ASP A 902 15.12 -28.46 4.38
CA ASP A 902 16.34 -27.85 4.92
C ASP A 902 16.08 -26.46 5.46
N PHE A 903 15.17 -25.71 4.84
CA PHE A 903 14.84 -24.36 5.31
C PHE A 903 14.21 -24.38 6.71
N VAL A 904 13.26 -25.29 6.94
CA VAL A 904 12.63 -25.44 8.25
C VAL A 904 13.62 -25.97 9.28
N GLN A 905 14.54 -26.85 8.86
CA GLN A 905 15.58 -27.33 9.77
C GLN A 905 16.57 -26.22 10.14
N PHE A 906 16.86 -25.32 9.19
CA PHE A 906 17.66 -24.12 9.48
C PHE A 906 16.95 -23.18 10.44
N VAL A 907 15.63 -23.04 10.30
CA VAL A 907 14.84 -22.19 11.19
C VAL A 907 14.86 -22.75 12.62
N HIS A 908 14.72 -24.08 12.76
CA HIS A 908 14.87 -24.71 14.07
C HIS A 908 16.27 -24.60 14.63
N THR A 909 17.30 -24.62 13.78
CA THR A 909 18.66 -24.47 14.27
C THR A 909 18.93 -23.02 14.70
N HIS A 910 18.31 -22.06 14.01
CA HIS A 910 18.67 -20.64 14.11
C HIS A 910 18.30 -20.03 15.46
N ILE A 911 17.11 -20.35 15.99
CA ILE A 911 16.69 -19.82 17.29
C ILE A 911 16.48 -20.99 18.26
N ASN A 912 17.38 -21.98 18.20
CA ASN A 912 17.67 -22.94 19.26
C ASN A 912 16.49 -23.90 19.50
N ALA A 913 15.58 -24.04 18.53
CA ALA A 913 14.27 -24.64 18.78
C ALA A 913 14.27 -26.15 18.67
N LEU A 914 15.41 -26.79 18.87
CA LEU A 914 15.53 -28.25 18.83
C LEU A 914 15.19 -28.84 20.18
N PRO A 915 14.41 -29.93 20.23
CA PRO A 915 13.97 -30.47 21.53
C PRO A 915 15.05 -31.14 22.38
N SER A 916 16.04 -30.37 22.82
CA SER A 916 16.94 -30.84 23.86
C SER A 916 16.21 -30.91 25.20
N ARG A 917 16.81 -31.65 26.14
CA ARG A 917 16.17 -31.90 27.44
C ARG A 917 16.04 -30.67 28.32
N ILE A 918 16.82 -29.61 28.08
CA ILE A 918 16.68 -28.40 28.89
C ILE A 918 15.58 -27.49 28.33
N ARG A 919 15.59 -27.23 27.02
CA ARG A 919 14.51 -26.45 26.41
C ARG A 919 13.18 -27.20 26.40
N GLY A 920 13.23 -28.53 26.30
CA GLY A 920 12.01 -29.32 26.35
C GLY A 920 11.34 -29.29 27.71
N SER A 921 12.13 -29.10 28.78
CA SER A 921 11.64 -29.12 30.14
C SER A 921 11.38 -27.74 30.72
N ARG A 922 11.06 -26.73 29.89
CA ARG A 922 10.72 -25.41 30.42
C ARG A 922 9.45 -25.47 31.25
N GLY A 923 9.61 -25.15 32.55
CA GLY A 923 8.56 -25.32 33.53
C GLY A 923 8.51 -26.66 34.23
N ARG A 924 9.20 -27.68 33.70
CA ARG A 924 9.09 -29.04 34.19
C ARG A 924 10.35 -29.54 34.87
N ARG A 925 11.16 -28.65 35.46
CA ARG A 925 12.45 -29.01 36.04
C ARG A 925 12.36 -29.38 37.51
N GLY A 926 11.20 -29.87 37.96
CA GLY A 926 11.07 -30.41 39.29
C GLY A 926 11.57 -31.84 39.38
N GLY A 927 11.79 -32.47 38.23
CA GLY A 927 12.27 -33.83 38.18
C GLY A 927 13.76 -33.95 38.46
N GLY A 928 14.25 -35.19 38.37
CA GLY A 928 15.64 -35.49 38.65
C GLY A 928 16.59 -35.13 37.51
N GLU A 929 17.83 -35.59 37.67
CA GLU A 929 18.89 -35.35 36.69
C GLU A 929 18.66 -36.08 35.37
N SER A 930 17.83 -37.12 35.35
CA SER A 930 17.47 -37.79 34.10
C SER A 930 16.65 -36.90 33.17
N SER A 931 15.95 -35.90 33.72
CA SER A 931 15.25 -34.91 32.92
C SER A 931 16.16 -33.79 32.42
N LEU A 932 17.43 -33.74 32.87
CA LEU A 932 18.31 -32.64 32.54
C LEU A 932 19.64 -33.03 31.90
N THR A 933 20.20 -34.19 32.24
CA THR A 933 21.55 -34.53 31.80
C THR A 933 21.55 -35.22 30.44
N CYS A 934 22.75 -35.37 29.88
CA CYS A 934 22.94 -35.80 28.49
C CYS A 934 22.51 -37.24 28.28
N ARG A 935 21.86 -37.47 27.13
CA ARG A 935 21.44 -38.81 26.71
C ARG A 935 22.63 -39.72 26.45
N ALA A 936 23.76 -39.16 26.03
CA ALA A 936 24.94 -39.96 25.73
C ALA A 936 25.79 -40.28 26.97
N GLY A 937 25.44 -39.75 28.13
CA GLY A 937 26.16 -40.07 29.35
C GLY A 937 27.32 -39.17 29.69
N CYS A 938 27.35 -37.94 29.18
CA CYS A 938 28.47 -37.02 29.45
C CYS A 938 28.50 -36.49 30.88
N LYS A 939 27.40 -36.66 31.66
CA LYS A 939 27.23 -36.13 33.02
C LYS A 939 27.42 -34.61 33.08
N VAL A 940 26.82 -33.92 32.11
CA VAL A 940 26.72 -32.46 32.08
C VAL A 940 25.30 -32.11 31.70
N ARG A 941 24.98 -30.83 31.82
CA ARG A 941 23.66 -30.32 31.46
C ARG A 941 23.48 -30.37 29.94
N GLU A 942 22.35 -30.92 29.49
CA GLU A 942 22.14 -31.18 28.06
C GLU A 942 21.46 -29.99 27.40
N THR A 943 22.27 -29.00 27.04
CA THR A 943 21.84 -27.96 26.12
C THR A 943 21.96 -28.47 24.68
N THR A 944 21.36 -27.71 23.76
CA THR A 944 21.53 -27.99 22.34
C THR A 944 22.98 -27.75 21.91
N ALA A 945 23.62 -26.73 22.50
CA ALA A 945 25.01 -26.41 22.19
C ALA A 945 25.99 -27.49 22.64
N HIS A 946 25.67 -28.21 23.72
CA HIS A 946 26.43 -29.42 24.07
C HIS A 946 26.32 -30.49 23.00
N ILE A 947 25.11 -30.70 22.49
CA ILE A 947 24.86 -31.72 21.47
C ILE A 947 25.61 -31.40 20.19
N LEU A 948 25.56 -30.13 19.76
CA LEU A 948 26.17 -29.76 18.49
C LEU A 948 27.68 -29.58 18.60
N GLN A 949 28.16 -29.01 19.72
CA GLN A 949 29.53 -28.54 19.83
C GLN A 949 30.42 -29.37 20.73
N GLN A 950 29.87 -30.12 21.69
CA GLN A 950 30.70 -30.71 22.74
C GLN A 950 30.61 -32.22 22.88
N CYS A 951 29.54 -32.86 22.38
CA CYS A 951 29.28 -34.25 22.70
C CYS A 951 30.20 -35.18 21.93
N HIS A 952 30.63 -36.27 22.61
CA HIS A 952 31.56 -37.23 22.00
C HIS A 952 30.91 -37.99 20.86
N ARG A 953 29.58 -38.14 20.89
CA ARG A 953 28.82 -38.79 19.83
C ARG A 953 28.85 -37.98 18.53
N THR A 954 29.17 -36.69 18.59
CA THR A 954 29.00 -35.74 17.50
C THR A 954 30.35 -35.26 16.94
N HIS A 955 31.43 -35.94 17.35
CA HIS A 955 32.79 -35.51 17.04
C HIS A 955 33.12 -35.65 15.56
N GLY A 956 32.71 -36.77 14.94
CA GLY A 956 32.96 -36.98 13.53
C GLY A 956 32.18 -36.00 12.65
N GLY A 957 30.97 -35.64 13.08
CA GLY A 957 30.22 -34.61 12.38
C GLY A 957 30.84 -33.23 12.46
N ARG A 958 31.44 -32.91 13.62
CA ARG A 958 32.20 -31.66 13.75
C ARG A 958 33.41 -31.65 12.82
N ILE A 959 34.10 -32.80 12.70
CA ILE A 959 35.24 -32.93 11.80
C ILE A 959 34.82 -32.76 10.34
N LEU A 960 33.70 -33.38 9.93
CA LEU A 960 33.21 -33.27 8.56
C LEU A 960 32.79 -31.85 8.21
N ARG A 961 32.13 -31.16 9.15
CA ARG A 961 31.76 -29.76 8.97
C ARG A 961 32.98 -28.86 8.78
N HIS A 962 34.02 -29.08 9.61
CA HIS A 962 35.29 -28.37 9.47
C HIS A 962 35.94 -28.61 8.11
N ASN A 963 36.05 -29.87 7.70
CA ASN A 963 36.74 -30.22 6.45
C ASN A 963 35.98 -29.71 5.22
N LYS A 964 34.64 -29.72 5.27
CA LYS A 964 33.84 -29.16 4.17
C LYS A 964 34.06 -27.67 4.02
N ILE A 965 34.11 -26.93 5.13
CA ILE A 965 34.31 -25.48 5.04
C ILE A 965 35.74 -25.16 4.57
N VAL A 966 36.75 -25.93 5.04
CA VAL A 966 38.14 -25.80 4.57
C VAL A 966 38.26 -26.04 3.07
N SER A 967 37.59 -27.10 2.57
CA SER A 967 37.65 -27.42 1.14
C SER A 967 36.98 -26.36 0.28
N PHE A 968 35.85 -25.81 0.75
CA PHE A 968 35.16 -24.77 -0.01
C PHE A 968 35.97 -23.46 -0.06
N VAL A 969 36.57 -23.08 1.08
CA VAL A 969 37.43 -21.89 1.14
C VAL A 969 38.68 -22.08 0.26
N ALA A 970 39.26 -23.28 0.29
CA ALA A 970 40.44 -23.59 -0.53
C ALA A 970 40.15 -23.53 -2.03
N LYS A 971 38.98 -24.05 -2.45
CA LYS A 971 38.58 -23.96 -3.86
C LYS A 971 38.36 -22.51 -4.26
N ALA A 972 37.77 -21.70 -3.37
CA ALA A 972 37.57 -20.29 -3.66
C ALA A 972 38.88 -19.52 -3.74
N MET A 973 39.87 -19.90 -2.94
CA MET A 973 41.18 -19.25 -3.02
C MET A 973 41.95 -19.69 -4.26
N GLU A 974 41.77 -20.95 -4.69
CA GLU A 974 42.35 -21.39 -5.95
C GLU A 974 41.74 -20.69 -7.15
N GLU A 975 40.44 -20.37 -7.10
CA GLU A 975 39.87 -19.56 -8.17
C GLU A 975 40.39 -18.12 -8.13
N ASN A 976 40.72 -17.62 -6.94
CA ASN A 976 41.32 -16.29 -6.78
C ASN A 976 42.85 -16.28 -6.91
N LYS A 977 43.42 -17.23 -7.67
CA LYS A 977 44.83 -17.34 -8.08
C LYS A 977 45.80 -17.47 -6.90
N TRP A 978 45.40 -18.09 -5.80
CA TRP A 978 46.34 -18.38 -4.73
C TRP A 978 46.95 -19.77 -4.92
N THR A 979 48.20 -19.92 -4.48
CA THR A 979 48.92 -21.19 -4.56
C THR A 979 48.71 -21.99 -3.27
N VAL A 980 47.50 -22.54 -3.15
CA VAL A 980 47.04 -23.12 -1.90
C VAL A 980 47.68 -24.50 -1.70
N GLU A 981 48.25 -24.70 -0.51
CA GLU A 981 48.60 -26.03 -0.01
C GLU A 981 47.75 -26.31 1.22
N LEU A 982 47.02 -27.42 1.18
CA LEU A 982 46.16 -27.80 2.29
C LEU A 982 46.91 -28.66 3.28
N GLU A 983 46.66 -28.39 4.57
CA GLU A 983 47.11 -29.11 5.76
C GLU A 983 48.63 -29.33 5.84
N PRO A 984 49.47 -28.28 5.99
CA PRO A 984 50.90 -28.53 6.16
C PRO A 984 51.23 -29.07 7.56
N ARG A 985 51.94 -30.18 7.61
CA ARG A 985 52.42 -30.74 8.88
C ARG A 985 53.79 -30.15 9.18
N LEU A 986 53.80 -29.09 9.98
CA LEU A 986 55.00 -28.30 10.24
C LEU A 986 55.51 -28.55 11.65
N ARG A 987 56.78 -28.93 11.75
CA ARG A 987 57.38 -29.32 13.03
C ARG A 987 58.23 -28.18 13.61
N THR A 988 57.55 -27.16 14.13
CA THR A 988 58.22 -26.15 14.93
C THR A 988 58.59 -26.71 16.30
N SER A 989 59.48 -25.99 17.01
CA SER A 989 60.05 -26.49 18.26
C SER A 989 59.04 -26.59 19.40
N VAL A 990 57.90 -25.90 19.33
CA VAL A 990 56.86 -26.06 20.33
C VAL A 990 56.18 -27.42 20.19
N GLY A 991 56.13 -27.96 18.98
CA GLY A 991 55.51 -29.24 18.71
C GLY A 991 54.98 -29.31 17.29
N LEU A 992 54.29 -30.40 16.96
CA LEU A 992 53.68 -30.51 15.64
C LEU A 992 52.47 -29.58 15.57
N ARG A 993 52.52 -28.63 14.66
CA ARG A 993 51.44 -27.69 14.42
C ARG A 993 50.97 -27.87 12.99
N LYS A 994 49.68 -27.64 12.77
CA LYS A 994 49.01 -28.05 11.54
C LYS A 994 47.94 -27.03 11.17
N PRO A 995 48.32 -25.97 10.41
CA PRO A 995 47.31 -25.04 9.88
C PRO A 995 46.40 -25.70 8.85
N ASP A 996 45.23 -25.10 8.61
CA ASP A 996 44.30 -25.68 7.65
C ASP A 996 44.79 -25.51 6.22
N ILE A 997 44.97 -24.27 5.77
CA ILE A 997 45.47 -23.98 4.42
C ILE A 997 46.51 -22.86 4.51
N ILE A 998 47.54 -22.95 3.67
CA ILE A 998 48.49 -21.88 3.44
C ILE A 998 48.58 -21.64 1.93
N ALA A 999 48.90 -20.40 1.55
CA ALA A 999 48.87 -20.02 0.15
C ALA A 999 49.80 -18.85 -0.10
N SER A 1000 50.15 -18.66 -1.37
CA SER A 1000 50.98 -17.54 -1.80
C SER A 1000 50.43 -16.97 -3.11
N ARG A 1001 50.49 -15.64 -3.23
CA ARG A 1001 50.19 -14.94 -4.47
C ARG A 1001 51.01 -13.66 -4.53
N ASP A 1002 51.81 -13.52 -5.60
CA ASP A 1002 52.69 -12.37 -5.88
C ASP A 1002 53.67 -12.09 -4.73
N GLY A 1003 54.16 -13.15 -4.09
CA GLY A 1003 55.11 -13.03 -3.01
C GLY A 1003 54.50 -12.82 -1.63
N VAL A 1004 53.22 -12.52 -1.53
CA VAL A 1004 52.56 -12.36 -0.24
C VAL A 1004 52.00 -13.70 0.21
N GLY A 1005 52.16 -14.01 1.50
CA GLY A 1005 51.67 -15.26 2.07
C GLY A 1005 50.54 -14.99 3.05
N VAL A 1006 49.56 -15.90 3.09
CA VAL A 1006 48.43 -15.84 4.03
C VAL A 1006 48.26 -17.23 4.65
N ILE A 1007 48.09 -17.27 5.98
CA ILE A 1007 47.69 -18.47 6.72
C ILE A 1007 46.24 -18.29 7.14
N VAL A 1008 45.38 -19.27 6.80
CA VAL A 1008 43.95 -19.23 7.08
C VAL A 1008 43.59 -20.45 7.93
N ASP A 1009 42.72 -20.26 8.92
CA ASP A 1009 42.24 -21.34 9.78
C ASP A 1009 40.73 -21.17 9.97
N VAL A 1010 40.02 -22.29 10.13
CA VAL A 1010 38.56 -22.34 10.15
C VAL A 1010 38.05 -22.64 11.56
N GLN A 1011 37.06 -21.86 12.01
CA GLN A 1011 36.38 -22.05 13.28
C GLN A 1011 34.87 -22.10 13.08
N VAL A 1012 34.20 -23.04 13.76
CA VAL A 1012 32.74 -23.01 13.94
C VAL A 1012 32.48 -23.00 15.45
N VAL A 1013 32.00 -21.88 15.98
CA VAL A 1013 32.07 -21.60 17.41
C VAL A 1013 30.68 -21.26 17.95
N SER A 1014 30.59 -21.16 19.28
CA SER A 1014 29.35 -20.74 19.93
C SER A 1014 29.30 -19.22 20.05
N GLY A 1015 28.07 -18.69 20.18
CA GLY A 1015 27.82 -17.27 20.24
C GLY A 1015 27.66 -16.64 21.61
N GLN A 1016 28.01 -17.33 22.69
CA GLN A 1016 27.99 -16.75 24.02
C GLN A 1016 29.28 -16.02 24.38
N ARG A 1017 30.18 -15.87 23.42
CA ARG A 1017 31.36 -15.04 23.56
C ARG A 1017 31.42 -14.12 22.35
N SER A 1018 32.31 -13.13 22.41
CA SER A 1018 32.53 -12.27 21.26
C SER A 1018 33.21 -13.06 20.15
N LEU A 1019 32.63 -12.97 18.94
CA LEU A 1019 33.17 -13.70 17.80
C LEU A 1019 34.50 -13.12 17.34
N ASP A 1020 34.67 -11.79 17.45
CA ASP A 1020 35.90 -11.14 17.07
C ASP A 1020 37.04 -11.49 18.01
N GLU A 1021 36.71 -11.65 19.30
CA GLU A 1021 37.66 -12.13 20.30
C GLU A 1021 38.12 -13.55 19.97
N LEU A 1022 37.21 -14.40 19.52
CA LEU A 1022 37.56 -15.76 19.12
C LEU A 1022 38.42 -15.77 17.86
N HIS A 1023 38.16 -14.84 16.92
CA HIS A 1023 39.00 -14.66 15.74
C HIS A 1023 40.41 -14.30 16.17
N ARG A 1024 40.54 -13.31 17.07
CA ARG A 1024 41.86 -12.85 17.48
C ARG A 1024 42.62 -13.92 18.28
N GLU A 1025 41.90 -14.69 19.10
CA GLU A 1025 42.51 -15.80 19.83
C GLU A 1025 42.97 -16.91 18.90
N LYS A 1026 42.27 -17.14 17.77
CA LYS A 1026 42.76 -18.12 16.82
C LYS A 1026 43.89 -17.54 15.97
N ARG A 1027 43.84 -16.24 15.68
CA ARG A 1027 44.84 -15.55 14.87
C ARG A 1027 46.21 -15.54 15.55
N ASN A 1028 46.24 -15.19 16.84
CA ASN A 1028 47.49 -14.97 17.55
C ASN A 1028 48.27 -16.25 17.82
N LYS A 1029 47.65 -17.42 17.65
CA LYS A 1029 48.40 -18.68 17.78
C LYS A 1029 49.39 -18.87 16.65
N TYR A 1030 49.03 -18.44 15.43
CA TYR A 1030 49.95 -18.49 14.30
C TYR A 1030 50.70 -17.18 14.10
N GLY A 1031 50.02 -16.05 14.23
CA GLY A 1031 50.62 -14.75 13.94
C GLY A 1031 51.66 -14.30 14.94
N ASN A 1032 51.63 -14.81 16.17
CA ASN A 1032 52.63 -14.49 17.18
C ASN A 1032 53.55 -15.67 17.46
N HIS A 1033 53.59 -16.67 16.57
CA HIS A 1033 54.44 -17.84 16.80
C HIS A 1033 55.87 -17.55 16.37
N GLY A 1034 56.07 -16.73 15.34
CA GLY A 1034 57.39 -16.30 14.92
C GLY A 1034 58.17 -17.30 14.10
N GLU A 1035 58.60 -18.39 14.74
CA GLU A 1035 59.37 -19.43 14.05
C GLU A 1035 58.52 -20.20 13.05
N LEU A 1036 57.24 -20.45 13.40
CA LEU A 1036 56.32 -21.14 12.50
C LEU A 1036 56.03 -20.34 11.24
N VAL A 1037 56.07 -19.00 11.37
CA VAL A 1037 55.94 -18.12 10.22
C VAL A 1037 57.12 -18.28 9.29
N GLU A 1038 58.31 -18.52 9.84
CA GLU A 1038 59.48 -18.81 9.01
C GLU A 1038 59.37 -20.17 8.33
N LEU A 1039 58.76 -21.16 8.98
CA LEU A 1039 58.53 -22.45 8.33
C LEU A 1039 57.52 -22.33 7.19
N VAL A 1040 56.48 -21.51 7.37
CA VAL A 1040 55.50 -21.27 6.31
C VAL A 1040 56.16 -20.53 5.14
N ALA A 1041 56.96 -19.51 5.45
CA ALA A 1041 57.66 -18.73 4.42
C ALA A 1041 58.71 -19.56 3.67
N GLY A 1042 59.42 -20.42 4.39
CA GLY A 1042 60.37 -21.33 3.75
C GLY A 1042 59.70 -22.37 2.88
N ARG A 1043 58.54 -22.87 3.33
CA ARG A 1043 57.80 -23.83 2.51
C ARG A 1043 57.23 -23.16 1.26
N LEU A 1044 56.74 -21.92 1.40
CA LEU A 1044 56.28 -21.16 0.23
C LEU A 1044 57.42 -20.58 -0.60
N GLY A 1045 58.66 -20.66 -0.12
CA GLY A 1045 59.80 -20.20 -0.90
C GLY A 1045 60.01 -18.71 -0.93
N LEU A 1046 59.71 -18.01 0.15
CA LEU A 1046 59.89 -16.57 0.24
C LEU A 1046 60.61 -16.20 1.52
N PRO A 1047 61.54 -15.23 1.49
CA PRO A 1047 62.38 -14.99 2.67
C PRO A 1047 61.75 -14.14 3.78
N LYS A 1048 60.91 -13.17 3.43
CA LYS A 1048 60.49 -12.13 4.36
C LYS A 1048 59.31 -12.60 5.20
N ALA A 1049 59.48 -12.60 6.53
CA ALA A 1049 58.39 -12.97 7.43
C ALA A 1049 57.26 -11.94 7.46
N GLU A 1050 57.56 -10.69 7.10
CA GLU A 1050 56.55 -9.62 7.11
C GLU A 1050 55.50 -9.87 6.02
N CYS A 1051 55.85 -10.57 4.95
CA CYS A 1051 54.92 -10.83 3.85
C CYS A 1051 53.99 -12.01 4.12
N VAL A 1052 54.07 -12.63 5.30
CA VAL A 1052 53.18 -13.73 5.67
C VAL A 1052 52.23 -13.23 6.75
N ARG A 1053 50.93 -13.33 6.48
CA ARG A 1053 49.91 -12.77 7.36
C ARG A 1053 49.03 -13.88 7.92
N ALA A 1054 48.67 -13.77 9.20
CA ALA A 1054 47.72 -14.70 9.78
C ALA A 1054 46.29 -14.20 9.61
N THR A 1055 45.37 -15.14 9.48
CA THR A 1055 43.97 -14.87 9.14
C THR A 1055 43.16 -16.06 9.67
N SER A 1056 41.92 -15.81 10.07
CA SER A 1056 41.04 -16.87 10.54
C SER A 1056 39.68 -16.75 9.85
N CYS A 1057 39.02 -17.90 9.69
CA CYS A 1057 37.68 -17.99 9.11
C CYS A 1057 36.73 -18.43 10.22
N THR A 1058 36.18 -17.46 10.95
CA THR A 1058 35.40 -17.71 12.15
C THR A 1058 33.92 -17.40 11.88
N ILE A 1059 33.07 -18.39 12.07
CA ILE A 1059 31.62 -18.25 11.91
C ILE A 1059 30.96 -19.02 13.06
N SER A 1060 29.80 -18.55 13.50
CA SER A 1060 29.10 -19.26 14.57
C SER A 1060 28.40 -20.50 14.03
N TRP A 1061 27.96 -21.37 14.94
CA TRP A 1061 27.19 -22.54 14.52
C TRP A 1061 25.78 -22.19 14.11
N ARG A 1062 25.28 -21.01 14.49
CA ARG A 1062 24.04 -20.48 13.94
C ARG A 1062 24.26 -19.72 12.63
N GLY A 1063 25.49 -19.65 12.15
CA GLY A 1063 25.78 -19.02 10.87
C GLY A 1063 26.02 -17.53 10.91
N VAL A 1064 26.60 -17.02 11.98
CA VAL A 1064 26.90 -15.59 12.11
C VAL A 1064 28.40 -15.38 11.90
N TRP A 1065 28.75 -14.55 10.92
CA TRP A 1065 30.14 -14.19 10.67
C TRP A 1065 30.71 -13.34 11.78
N SER A 1066 31.97 -13.62 12.15
CA SER A 1066 32.78 -12.63 12.83
C SER A 1066 33.12 -11.53 11.84
N LEU A 1067 32.95 -10.27 12.27
CA LEU A 1067 33.05 -9.13 11.35
C LEU A 1067 34.47 -8.91 10.86
N THR A 1068 35.46 -9.00 11.76
CA THR A 1068 36.85 -8.79 11.40
C THR A 1068 37.36 -9.91 10.49
N SER A 1069 36.97 -11.16 10.79
CA SER A 1069 37.31 -12.31 9.94
C SER A 1069 36.71 -12.18 8.55
N TYR A 1070 35.48 -11.66 8.47
CA TYR A 1070 34.84 -11.33 7.21
C TYR A 1070 35.64 -10.27 6.44
N LYS A 1071 36.15 -9.27 7.16
CA LYS A 1071 36.96 -8.24 6.53
C LYS A 1071 38.32 -8.77 6.06
N GLU A 1072 38.91 -9.71 6.81
CA GLU A 1072 40.14 -10.37 6.35
C GLU A 1072 39.90 -11.19 5.10
N LEU A 1073 38.86 -12.02 5.10
CA LEU A 1073 38.56 -12.84 3.91
C LEU A 1073 38.06 -12.01 2.73
N ARG A 1074 37.59 -10.79 2.94
CA ARG A 1074 37.17 -9.97 1.82
C ARG A 1074 38.25 -8.97 1.37
N SER A 1075 39.24 -8.67 2.22
CA SER A 1075 40.24 -7.66 1.89
C SER A 1075 41.65 -8.22 1.78
N ILE A 1076 42.08 -9.02 2.75
CA ILE A 1076 43.41 -9.64 2.67
C ILE A 1076 43.43 -10.69 1.58
N ILE A 1077 42.45 -11.58 1.58
CA ILE A 1077 42.23 -12.48 0.46
C ILE A 1077 41.14 -11.84 -0.40
N GLY A 1078 41.21 -12.05 -1.71
CA GLY A 1078 40.27 -11.46 -2.64
C GLY A 1078 38.96 -12.17 -2.83
N LEU A 1079 38.47 -12.91 -1.82
CA LEU A 1079 37.22 -13.68 -1.94
C LEU A 1079 36.01 -12.77 -2.09
N ARG A 1080 35.22 -13.03 -3.12
CA ARG A 1080 33.97 -12.32 -3.36
C ARG A 1080 32.93 -12.72 -2.32
N GLU A 1081 32.03 -11.80 -2.00
CA GLU A 1081 30.96 -12.11 -1.04
C GLU A 1081 29.86 -13.09 -1.48
N PRO A 1082 29.53 -13.35 -2.77
CA PRO A 1082 28.67 -14.51 -3.05
C PRO A 1082 29.27 -15.86 -2.68
N THR A 1083 30.60 -15.97 -2.61
CA THR A 1083 31.21 -17.12 -1.96
C THR A 1083 30.91 -17.12 -0.45
N LEU A 1084 31.01 -15.95 0.19
CA LEU A 1084 30.86 -15.86 1.63
C LEU A 1084 29.42 -16.00 2.09
N GLN A 1085 28.44 -15.85 1.20
CA GLN A 1085 27.05 -16.08 1.57
C GLN A 1085 26.69 -17.56 1.73
N ILE A 1086 27.58 -18.46 1.29
CA ILE A 1086 27.28 -19.90 1.31
C ILE A 1086 27.80 -20.56 2.59
N VAL A 1087 28.84 -19.98 3.21
CA VAL A 1087 29.38 -20.52 4.48
C VAL A 1087 28.38 -20.59 5.63
N PRO A 1088 27.47 -19.60 5.87
CA PRO A 1088 26.38 -19.84 6.85
C PRO A 1088 25.47 -21.02 6.56
N ILE A 1089 25.16 -21.27 5.28
CA ILE A 1089 24.34 -22.41 4.88
C ILE A 1089 25.05 -23.73 5.20
N LEU A 1090 26.37 -23.78 4.96
CA LEU A 1090 27.17 -24.96 5.28
C LEU A 1090 27.25 -25.21 6.77
N ALA A 1091 27.43 -24.14 7.57
CA ALA A 1091 27.49 -24.29 9.03
C ALA A 1091 26.14 -24.72 9.61
N LEU A 1092 25.05 -24.14 9.10
CA LEU A 1092 23.71 -24.51 9.55
C LEU A 1092 23.36 -25.95 9.20
N ARG A 1093 23.68 -26.37 7.97
CA ARG A 1093 23.37 -27.74 7.56
C ARG A 1093 24.26 -28.75 8.28
N GLY A 1094 25.53 -28.39 8.56
CA GLY A 1094 26.37 -29.24 9.37
C GLY A 1094 25.86 -29.38 10.80
N SER A 1095 25.31 -28.29 11.37
CA SER A 1095 24.71 -28.35 12.69
C SER A 1095 23.46 -29.25 12.71
N HIS A 1096 22.63 -29.17 11.68
CA HIS A 1096 21.44 -30.01 11.72
C HIS A 1096 21.74 -31.47 11.38
N MET A 1097 22.78 -31.74 10.56
CA MET A 1097 23.26 -33.11 10.38
C MET A 1097 23.79 -33.69 11.68
N ASN A 1098 24.47 -32.85 12.48
CA ASN A 1098 24.91 -33.23 13.82
C ASN A 1098 23.73 -33.58 14.73
N TRP A 1099 22.68 -32.77 14.70
CA TRP A 1099 21.47 -33.01 15.49
C TRP A 1099 20.77 -34.30 15.05
N THR A 1100 20.69 -34.53 13.73
CA THR A 1100 20.06 -35.72 13.18
C THR A 1100 20.81 -37.00 13.58
N ARG A 1101 22.15 -36.97 13.51
CA ARG A 1101 22.93 -38.14 13.91
C ARG A 1101 22.86 -38.40 15.41
N PHE A 1102 22.80 -37.34 16.23
CA PHE A 1102 22.66 -37.52 17.67
C PHE A 1102 21.31 -38.14 18.01
N ASN A 1103 20.25 -37.78 17.28
CA ASN A 1103 18.97 -38.41 17.54
C ASN A 1103 18.84 -39.80 16.92
N GLN A 1104 19.59 -40.09 15.85
CA GLN A 1104 19.58 -41.45 15.30
C GLN A 1104 20.33 -42.43 16.20
N MET A 1105 21.43 -41.99 16.82
CA MET A 1105 22.27 -42.93 17.57
C MET A 1105 21.72 -43.31 18.95
N THR A 1106 20.47 -42.96 19.31
CA THR A 1106 19.95 -43.33 20.63
C THR A 1106 19.69 -44.83 20.75
N SER A 1107 19.53 -45.54 19.63
CA SER A 1107 19.28 -46.99 19.53
C SER A 1107 18.07 -47.48 20.33
ZN ZN F . -34.27 -2.35 25.17
ZN ZN G . 26.82 -35.43 25.43
MG MG H . -17.24 5.91 -11.87
PA TTP I . -14.21 4.00 -11.90
O1A TTP I . -15.28 4.96 -11.45
O2A TTP I . -13.85 3.09 -10.75
O3A TTP I . -14.60 3.14 -13.21
PB TTP I . -15.84 3.44 -14.20
O1B TTP I . -16.43 4.82 -14.07
O2B TTP I . -15.39 3.23 -15.62
O3B TTP I . -16.84 2.25 -13.78
PG TTP I . -18.31 2.49 -13.14
O1G TTP I . -19.31 2.72 -14.23
O2G TTP I . -18.69 1.25 -12.37
O3G TTP I . -18.29 3.65 -12.19
O5' TTP I . -12.90 4.77 -12.41
C5' TTP I . -12.95 6.14 -12.80
C4' TTP I . -12.00 6.26 -13.98
O4' TTP I . -10.69 5.87 -13.58
C3' TTP I . -12.41 5.28 -15.04
O3' TTP I . -13.19 5.91 -16.05
C2' TTP I . -11.11 4.72 -15.60
C1' TTP I . -10.03 5.11 -14.60
N1 TTP I . -9.45 3.89 -14.05
C2 TTP I . -8.30 3.33 -14.64
O2 TTP I . -7.78 3.88 -15.63
N3 TTP I . -7.75 2.20 -14.16
C4 TTP I . -8.27 1.58 -13.10
O4 TTP I . -7.75 0.54 -12.67
C5 TTP I . -9.48 2.15 -12.46
C5M TTP I . -10.11 1.48 -11.28
C6 TTP I . -10.02 3.32 -12.99
#